data_7S8R
#
_entry.id   7S8R
#
_cell.length_a   71.330
_cell.length_b   120.410
_cell.length_c   122.330
_cell.angle_alpha   90.000
_cell.angle_beta   90.000
_cell.angle_gamma   90.000
#
_symmetry.space_group_name_H-M   'P 2 21 21'
#
loop_
_entity.id
_entity.type
_entity.pdbx_description
1 polymer 'HLA class I histocompatibility antigen, A alpha chain'
2 polymer Beta-2-microglobulin
3 polymer 'Matrix protein 1 peptide SALEWIKNK'
4 non-polymer 'MAGNESIUM ION'
5 non-polymer 'SULFATE ION'
6 water water
#
loop_
_entity_poly.entity_id
_entity_poly.type
_entity_poly.pdbx_seq_one_letter_code
_entity_poly.pdbx_strand_id
1 'polypeptide(L)'
;GSHSMRYFYTSVSRPGRGEPRFIAVGYVDDTQFVRFDSDAASQRMEPRAPWIEQEGPEYWDQETRNVKAQSQTDRVDLGT
LRGYYNQSEDGSHTIQIMYGCDVGPDGRFLRGYRQDAYDGKDYIALNEDLRSWTAADMAAQITKRKWEAAHAAEQQRAYL
EGRCVEWLRRYLENGKETLQRTDPPKTHMTHHPISDHEATLRCWALGFYPAEITLTWQRDGEDQTQDTELVETRPAGDGT
FQKWAAVVVPSGEEQRYTCHVQHEGLPKPLTLRWELSS
;
A,D
2 'polypeptide(L)'
;MIQRTPKIQVYSRHPAENGKSNFLNCYVSGFHPSDIEVDLLKNGERIEKVEHSDLSFSKDWSFYLLYYTEFTPTEKDEYA
CRVNHVTLSQPKIVKWDRDM
;
B,E
3 'polypeptide(L)' SALEWIKNK C,F
#
loop_
_chem_comp.id
_chem_comp.type
_chem_comp.name
_chem_comp.formula
MG non-polymer 'MAGNESIUM ION' 'Mg 2'
SO4 non-polymer 'SULFATE ION' 'O4 S -2'
#
# COMPACT_ATOMS: atom_id res chain seq x y z
N GLY A 1 14.04 29.11 -16.95
CA GLY A 1 14.45 27.72 -16.84
C GLY A 1 13.42 26.75 -17.37
N SER A 2 13.40 25.51 -16.85
CA SER A 2 12.45 24.48 -17.28
C SER A 2 11.03 24.79 -16.77
N HIS A 3 10.00 24.23 -17.45
CA HIS A 3 8.58 24.41 -17.12
C HIS A 3 7.77 23.13 -17.38
N SER A 4 6.64 22.94 -16.67
CA SER A 4 5.81 21.74 -16.83
C SER A 4 4.30 21.92 -16.66
N MET A 5 3.53 21.54 -17.70
CA MET A 5 2.06 21.53 -17.71
C MET A 5 1.62 20.12 -17.29
N ARG A 6 0.64 20.01 -16.38
CA ARG A 6 0.16 18.72 -15.85
C ARG A 6 -1.35 18.68 -15.66
N TYR A 7 -1.94 17.49 -15.86
CA TYR A 7 -3.37 17.23 -15.66
C TYR A 7 -3.56 16.04 -14.74
N PHE A 8 -4.45 16.19 -13.75
CA PHE A 8 -4.74 15.16 -12.74
C PHE A 8 -6.24 14.87 -12.71
N TYR A 9 -6.61 13.63 -13.08
CA TYR A 9 -7.99 13.16 -13.11
C TYR A 9 -8.24 12.13 -12.01
N THR A 10 -9.39 12.22 -11.32
CA THR A 10 -9.73 11.31 -10.24
C THR A 10 -11.21 10.87 -10.30
N SER A 11 -11.45 9.68 -10.86
CA SER A 11 -12.79 9.11 -11.01
C SER A 11 -13.08 8.05 -9.94
N VAL A 12 -13.86 8.42 -8.91
CA VAL A 12 -14.22 7.55 -7.77
C VAL A 12 -15.68 7.11 -7.84
N SER A 13 -15.93 5.79 -7.82
CA SER A 13 -17.29 5.24 -7.86
C SER A 13 -17.93 5.28 -6.47
N ARG A 14 -19.03 6.06 -6.31
CA ARG A 14 -19.77 6.19 -5.04
C ARG A 14 -20.56 4.90 -4.75
N PRO A 15 -20.21 4.09 -3.71
CA PRO A 15 -20.95 2.83 -3.48
C PRO A 15 -22.35 3.00 -2.88
N GLY A 16 -22.65 4.19 -2.38
CA GLY A 16 -23.94 4.54 -1.80
C GLY A 16 -24.17 6.05 -1.77
N ARG A 17 -24.42 6.73 -2.94
CA ARG A 17 -24.55 6.23 -4.33
C ARG A 17 -24.71 7.42 -5.29
N GLY A 18 -24.41 7.19 -6.58
CA GLY A 18 -24.56 8.19 -7.63
C GLY A 18 -23.60 8.03 -8.79
N GLU A 19 -23.43 9.13 -9.56
CA GLU A 19 -22.52 9.21 -10.71
C GLU A 19 -21.08 9.22 -10.19
N PRO A 20 -20.11 8.57 -10.90
CA PRO A 20 -18.73 8.55 -10.39
C PRO A 20 -18.13 9.94 -10.21
N ARG A 21 -17.76 10.26 -8.94
CA ARG A 21 -17.17 11.55 -8.54
C ARG A 21 -15.89 11.79 -9.36
N PHE A 22 -15.90 12.87 -10.14
CA PHE A 22 -14.81 13.20 -11.05
C PHE A 22 -14.24 14.58 -10.80
N ILE A 23 -12.93 14.64 -10.47
CA ILE A 23 -12.20 15.88 -10.23
C ILE A 23 -11.05 15.95 -11.22
N ALA A 24 -11.03 17.01 -12.04
CA ALA A 24 -9.99 17.28 -13.01
C ALA A 24 -9.28 18.54 -12.55
N VAL A 25 -7.93 18.49 -12.46
CA VAL A 25 -7.12 19.62 -12.02
C VAL A 25 -5.99 19.84 -13.01
N GLY A 26 -5.79 21.10 -13.42
CA GLY A 26 -4.75 21.50 -14.34
C GLY A 26 -3.75 22.43 -13.71
N TYR A 27 -2.44 22.16 -13.91
CA TYR A 27 -1.33 22.93 -13.35
C TYR A 27 -0.31 23.35 -14.41
N VAL A 28 0.39 24.47 -14.15
CA VAL A 28 1.53 24.99 -14.90
C VAL A 28 2.55 25.24 -13.77
N ASP A 29 3.53 24.32 -13.63
CA ASP A 29 4.53 24.23 -12.57
C ASP A 29 3.80 23.83 -11.28
N ASP A 30 3.80 24.68 -10.26
CA ASP A 30 3.10 24.40 -9.01
C ASP A 30 1.89 25.35 -8.89
N THR A 31 1.27 25.70 -10.04
CA THR A 31 0.16 26.66 -10.09
C THR A 31 -1.04 26.13 -10.81
N GLN A 32 -2.19 26.16 -10.14
CA GLN A 32 -3.47 25.72 -10.70
C GLN A 32 -4.03 26.77 -11.65
N PHE A 33 -4.64 26.33 -12.75
CA PHE A 33 -5.24 27.24 -13.72
C PHE A 33 -6.63 26.80 -14.16
N VAL A 34 -6.91 25.50 -14.18
CA VAL A 34 -8.23 24.97 -14.54
C VAL A 34 -8.77 24.03 -13.45
N ARG A 35 -10.11 23.88 -13.37
CA ARG A 35 -10.79 23.06 -12.37
C ARG A 35 -12.09 22.48 -12.91
N PHE A 36 -12.34 21.20 -12.64
CA PHE A 36 -13.59 20.56 -13.01
C PHE A 36 -14.02 19.54 -11.95
N ASP A 37 -15.16 19.77 -11.30
CA ASP A 37 -15.73 18.87 -10.31
C ASP A 37 -17.06 18.37 -10.86
N SER A 38 -17.36 17.08 -10.67
CA SER A 38 -18.62 16.50 -11.16
C SER A 38 -19.82 16.90 -10.31
N ASP A 39 -19.61 17.16 -8.99
CA ASP A 39 -20.68 17.56 -8.07
C ASP A 39 -20.86 19.10 -7.98
N ALA A 40 -20.15 19.85 -8.86
CA ALA A 40 -20.20 21.31 -8.96
C ALA A 40 -21.48 21.78 -9.65
N ALA A 41 -21.97 22.98 -9.28
CA ALA A 41 -23.17 23.56 -9.86
C ALA A 41 -22.92 24.10 -11.26
N SER A 42 -21.69 24.58 -11.52
CA SER A 42 -21.28 25.14 -12.81
C SER A 42 -21.41 24.15 -13.98
N GLN A 43 -20.80 22.94 -13.85
CA GLN A 43 -20.76 21.87 -14.87
C GLN A 43 -19.92 22.29 -16.08
N ARG A 44 -18.96 23.22 -15.86
CA ARG A 44 -18.06 23.78 -16.87
C ARG A 44 -16.60 23.76 -16.37
N MET A 45 -15.63 24.02 -17.28
CA MET A 45 -14.23 24.15 -16.90
C MET A 45 -14.11 25.51 -16.21
N GLU A 46 -13.61 25.54 -14.97
CA GLU A 46 -13.52 26.75 -14.16
C GLU A 46 -12.09 27.33 -14.07
N PRO A 47 -11.90 28.66 -14.26
CA PRO A 47 -10.54 29.23 -14.16
C PRO A 47 -10.06 29.39 -12.73
N ARG A 48 -8.76 29.14 -12.49
CA ARG A 48 -8.15 29.30 -11.17
C ARG A 48 -6.81 30.08 -11.25
N ALA A 49 -6.64 30.85 -12.35
CA ALA A 49 -5.47 31.70 -12.62
C ALA A 49 -5.89 32.99 -13.37
N PRO A 50 -5.20 34.15 -13.16
CA PRO A 50 -5.62 35.38 -13.85
C PRO A 50 -5.35 35.40 -15.36
N TRP A 51 -4.27 34.74 -15.80
CA TRP A 51 -3.85 34.67 -17.21
C TRP A 51 -4.69 33.71 -18.07
N ILE A 52 -5.62 32.95 -17.46
CA ILE A 52 -6.50 32.02 -18.17
C ILE A 52 -7.93 32.60 -18.26
N GLU A 53 -8.26 33.56 -17.38
CA GLU A 53 -9.55 34.25 -17.37
C GLU A 53 -9.72 35.10 -18.66
N GLN A 54 -8.60 35.47 -19.30
CA GLN A 54 -8.58 36.26 -20.53
C GLN A 54 -8.79 35.42 -21.82
N GLU A 55 -9.12 34.11 -21.68
CA GLU A 55 -9.38 33.22 -22.83
C GLU A 55 -10.84 33.31 -23.27
N GLY A 56 -11.07 33.22 -24.58
CA GLY A 56 -12.38 33.31 -25.22
C GLY A 56 -13.44 32.32 -24.75
N PRO A 57 -14.74 32.62 -24.96
CA PRO A 57 -15.81 31.69 -24.51
C PRO A 57 -15.91 30.39 -25.31
N GLU A 58 -15.25 30.34 -26.49
CA GLU A 58 -15.21 29.15 -27.34
C GLU A 58 -14.25 28.13 -26.72
N TYR A 59 -13.19 28.62 -26.04
CA TYR A 59 -12.17 27.83 -25.36
C TYR A 59 -12.78 27.08 -24.17
N TRP A 60 -13.47 27.80 -23.27
CA TRP A 60 -14.11 27.26 -22.07
C TRP A 60 -15.20 26.23 -22.35
N ASP A 61 -15.76 26.23 -23.57
CA ASP A 61 -16.79 25.28 -23.96
C ASP A 61 -16.19 24.03 -24.62
N GLN A 62 -15.00 24.16 -25.23
CA GLN A 62 -14.29 23.03 -25.84
C GLN A 62 -13.69 22.17 -24.70
N GLU A 63 -13.10 22.84 -23.69
CA GLU A 63 -12.50 22.24 -22.50
C GLU A 63 -13.55 21.46 -21.70
N THR A 64 -14.77 22.00 -21.61
CA THR A 64 -15.87 21.36 -20.91
C THR A 64 -16.27 20.05 -21.61
N ARG A 65 -16.35 20.08 -22.96
CA ARG A 65 -16.71 18.91 -23.77
C ARG A 65 -15.67 17.79 -23.66
N ASN A 66 -14.38 18.12 -23.78
CA ASN A 66 -13.29 17.15 -23.68
C ASN A 66 -13.19 16.53 -22.28
N VAL A 67 -13.34 17.35 -21.21
CA VAL A 67 -13.29 16.89 -19.82
C VAL A 67 -14.55 16.05 -19.48
N LYS A 68 -15.72 16.39 -20.07
CA LYS A 68 -16.95 15.62 -19.89
C LYS A 68 -16.83 14.26 -20.57
N ALA A 69 -16.18 14.22 -21.74
CA ALA A 69 -15.95 12.99 -22.50
C ALA A 69 -14.98 12.09 -21.74
N GLN A 70 -13.93 12.69 -21.12
CA GLN A 70 -12.91 12.02 -20.28
C GLN A 70 -13.55 11.41 -19.02
N SER A 71 -14.55 12.10 -18.44
CA SER A 71 -15.26 11.63 -17.24
C SER A 71 -16.18 10.45 -17.52
N GLN A 72 -16.97 10.52 -18.61
CA GLN A 72 -17.90 9.47 -19.00
C GLN A 72 -17.19 8.22 -19.52
N THR A 73 -15.98 8.38 -20.07
CA THR A 73 -15.16 7.26 -20.52
C THR A 73 -14.63 6.56 -19.25
N ASP A 74 -14.19 7.36 -18.24
CA ASP A 74 -13.71 6.88 -16.94
C ASP A 74 -14.87 6.24 -16.14
N ARG A 75 -16.11 6.67 -16.41
CA ARG A 75 -17.32 6.15 -15.79
C ARG A 75 -17.53 4.68 -16.21
N VAL A 76 -17.32 4.37 -17.51
CA VAL A 76 -17.47 3.00 -18.03
C VAL A 76 -16.20 2.19 -17.79
N ASP A 77 -15.04 2.87 -17.63
CA ASP A 77 -13.74 2.24 -17.35
C ASP A 77 -13.76 1.53 -16.01
N LEU A 78 -14.43 2.13 -15.01
CA LEU A 78 -14.60 1.58 -13.66
C LEU A 78 -15.39 0.27 -13.76
N GLY A 79 -16.36 0.24 -14.67
CA GLY A 79 -17.21 -0.92 -14.96
C GLY A 79 -16.55 -1.99 -15.81
N THR A 80 -15.41 -1.68 -16.44
CA THR A 80 -14.69 -2.66 -17.26
C THR A 80 -13.56 -3.29 -16.45
N LEU A 81 -12.90 -2.47 -15.60
CA LEU A 81 -11.79 -2.88 -14.73
C LEU A 81 -12.27 -3.77 -13.58
N ARG A 82 -13.56 -3.66 -13.20
CA ARG A 82 -14.14 -4.52 -12.15
C ARG A 82 -14.25 -5.98 -12.65
N GLY A 83 -14.30 -6.14 -13.97
CA GLY A 83 -14.36 -7.45 -14.62
C GLY A 83 -12.98 -8.05 -14.78
N TYR A 84 -11.98 -7.21 -15.07
CA TYR A 84 -10.58 -7.62 -15.26
C TYR A 84 -9.98 -8.13 -13.95
N TYR A 85 -10.37 -7.50 -12.83
CA TYR A 85 -9.91 -7.83 -11.48
C TYR A 85 -10.90 -8.73 -10.73
N ASN A 86 -12.02 -9.13 -11.39
CA ASN A 86 -13.10 -10.00 -10.89
C ASN A 86 -13.62 -9.59 -9.48
N GLN A 87 -13.74 -8.27 -9.27
CA GLN A 87 -14.18 -7.64 -8.03
C GLN A 87 -15.69 -7.43 -8.01
N SER A 88 -16.26 -7.29 -6.79
CA SER A 88 -17.69 -7.10 -6.53
C SER A 88 -18.20 -5.76 -7.06
N GLU A 89 -19.53 -5.68 -7.22
CA GLU A 89 -20.25 -4.50 -7.72
C GLU A 89 -20.52 -3.46 -6.62
N ASP A 90 -20.57 -3.91 -5.35
CA ASP A 90 -20.79 -3.06 -4.16
C ASP A 90 -19.46 -2.59 -3.52
N GLY A 91 -18.57 -2.06 -4.37
CA GLY A 91 -17.27 -1.55 -3.96
C GLY A 91 -16.92 -0.25 -4.63
N SER A 92 -16.25 0.64 -3.86
CA SER A 92 -15.79 1.95 -4.34
C SER A 92 -14.39 1.77 -4.94
N HIS A 93 -14.21 2.22 -6.18
CA HIS A 93 -12.93 2.11 -6.87
C HIS A 93 -12.50 3.45 -7.45
N THR A 94 -11.18 3.66 -7.59
CA THR A 94 -10.58 4.92 -8.06
C THR A 94 -9.75 4.74 -9.32
N ILE A 95 -9.88 5.70 -10.26
CA ILE A 95 -9.07 5.73 -11.49
C ILE A 95 -8.34 7.08 -11.55
N GLN A 96 -7.05 7.07 -11.21
CA GLN A 96 -6.26 8.29 -11.20
C GLN A 96 -5.41 8.35 -12.46
N ILE A 97 -5.61 9.38 -13.28
CA ILE A 97 -4.90 9.54 -14.55
C ILE A 97 -4.08 10.83 -14.53
N MET A 98 -2.79 10.75 -14.88
CA MET A 98 -1.91 11.91 -14.96
C MET A 98 -1.10 11.88 -16.25
N TYR A 99 -1.02 13.02 -16.92
CA TYR A 99 -0.24 13.23 -18.15
C TYR A 99 0.22 14.67 -18.23
N GLY A 100 1.28 14.92 -18.99
CA GLY A 100 1.80 16.27 -19.15
C GLY A 100 3.07 16.38 -19.97
N CYS A 101 3.36 17.61 -20.44
CA CYS A 101 4.53 17.90 -21.24
C CYS A 101 5.49 18.85 -20.54
N ASP A 102 6.77 18.82 -20.96
CA ASP A 102 7.83 19.65 -20.40
C ASP A 102 8.46 20.51 -21.46
N VAL A 103 8.85 21.70 -21.06
CA VAL A 103 9.47 22.70 -21.93
C VAL A 103 10.77 23.13 -21.28
N GLY A 104 11.86 23.09 -22.06
CA GLY A 104 13.19 23.49 -21.60
C GLY A 104 13.35 24.99 -21.48
N PRO A 105 14.55 25.50 -21.13
CA PRO A 105 14.73 26.97 -21.00
C PRO A 105 14.59 27.69 -22.35
N ASP A 106 14.90 26.97 -23.43
CA ASP A 106 14.83 27.41 -24.82
C ASP A 106 13.39 27.64 -25.31
N GLY A 107 12.49 26.70 -24.99
CA GLY A 107 11.08 26.74 -25.37
C GLY A 107 10.55 25.45 -25.97
N ARG A 108 11.43 24.65 -26.59
CA ARG A 108 11.06 23.40 -27.23
C ARG A 108 10.91 22.24 -26.24
N PHE A 109 10.10 21.21 -26.62
CA PHE A 109 9.75 20.00 -25.87
C PHE A 109 10.95 19.22 -25.33
N LEU A 110 10.83 18.71 -24.08
CA LEU A 110 11.87 17.93 -23.41
C LEU A 110 11.38 16.53 -22.95
N ARG A 111 10.24 16.47 -22.23
CA ARG A 111 9.66 15.25 -21.70
C ARG A 111 8.15 15.19 -21.88
N GLY A 112 7.66 14.03 -22.26
CA GLY A 112 6.24 13.74 -22.44
C GLY A 112 5.90 12.54 -21.58
N TYR A 113 4.76 12.60 -20.87
CA TYR A 113 4.41 11.51 -19.95
C TYR A 113 2.92 11.26 -19.78
N ARG A 114 2.58 10.02 -19.38
CA ARG A 114 1.25 9.53 -19.05
C ARG A 114 1.39 8.31 -18.12
N GLN A 115 0.80 8.44 -16.92
CA GLN A 115 0.77 7.45 -15.85
C GLN A 115 -0.69 7.29 -15.39
N ASP A 116 -1.23 6.06 -15.49
CA ASP A 116 -2.61 5.74 -15.07
C ASP A 116 -2.60 4.70 -13.95
N ALA A 117 -3.49 4.86 -12.97
CA ALA A 117 -3.54 3.96 -11.83
C ALA A 117 -4.94 3.48 -11.46
N TYR A 118 -5.02 2.41 -10.65
CA TYR A 118 -6.26 1.82 -10.16
C TYR A 118 -6.06 1.36 -8.72
N ASP A 119 -6.96 1.80 -7.80
CA ASP A 119 -6.98 1.47 -6.37
C ASP A 119 -5.59 1.62 -5.65
N GLY A 120 -4.98 2.80 -5.79
CA GLY A 120 -3.72 3.13 -5.15
C GLY A 120 -2.48 2.78 -5.94
N LYS A 121 -2.38 1.51 -6.38
CA LYS A 121 -1.27 0.95 -7.16
C LYS A 121 -1.30 1.36 -8.64
N ASP A 122 -0.18 1.17 -9.36
CA ASP A 122 -0.05 1.50 -10.78
C ASP A 122 -0.88 0.57 -11.68
N TYR A 123 -1.18 1.00 -12.92
CA TYR A 123 -1.96 0.23 -13.88
C TYR A 123 -1.31 0.19 -15.26
N ILE A 124 -1.21 1.35 -15.94
CA ILE A 124 -0.61 1.45 -17.27
C ILE A 124 0.16 2.77 -17.41
N ALA A 125 1.31 2.70 -18.09
CA ALA A 125 2.18 3.86 -18.31
C ALA A 125 2.64 3.98 -19.75
N LEU A 126 2.92 5.22 -20.18
CA LEU A 126 3.42 5.52 -21.50
C LEU A 126 4.91 5.88 -21.36
N ASN A 127 5.78 5.12 -22.05
CA ASN A 127 7.24 5.22 -21.99
C ASN A 127 7.81 6.51 -22.60
N GLU A 128 9.10 6.78 -22.33
CA GLU A 128 9.88 7.93 -22.82
C GLU A 128 9.85 8.03 -24.36
N ASP A 129 9.76 6.87 -25.04
CA ASP A 129 9.68 6.76 -26.49
C ASP A 129 8.33 7.24 -27.01
N LEU A 130 7.29 7.19 -26.15
CA LEU A 130 5.90 7.61 -26.42
C LEU A 130 5.24 6.78 -27.55
N ARG A 131 5.73 5.54 -27.75
CA ARG A 131 5.26 4.59 -28.76
C ARG A 131 4.81 3.26 -28.13
N SER A 132 5.38 2.92 -26.96
CA SER A 132 5.09 1.69 -26.22
C SER A 132 4.36 1.97 -24.92
N TRP A 133 3.71 0.92 -24.37
CA TRP A 133 2.99 0.95 -23.09
C TRP A 133 3.61 0.00 -22.07
N THR A 134 3.38 0.26 -20.77
CA THR A 134 3.93 -0.54 -19.65
C THR A 134 2.78 -0.97 -18.72
N ALA A 135 2.27 -2.20 -18.91
CA ALA A 135 1.20 -2.76 -18.08
C ALA A 135 1.75 -3.26 -16.75
N ALA A 136 1.09 -2.90 -15.63
CA ALA A 136 1.50 -3.27 -14.27
C ALA A 136 1.28 -4.74 -13.91
N ASP A 137 0.18 -5.34 -14.41
CA ASP A 137 -0.18 -6.74 -14.17
C ASP A 137 -0.89 -7.37 -15.39
N MET A 138 -1.28 -8.66 -15.27
CA MET A 138 -1.95 -9.44 -16.33
C MET A 138 -3.31 -8.85 -16.72
N ALA A 139 -3.99 -8.18 -15.78
CA ALA A 139 -5.29 -7.53 -16.00
C ALA A 139 -5.11 -6.30 -16.90
N ALA A 140 -4.06 -5.49 -16.62
CA ALA A 140 -3.71 -4.29 -17.39
C ALA A 140 -3.20 -4.61 -18.79
N GLN A 141 -2.74 -5.88 -19.01
CA GLN A 141 -2.25 -6.36 -20.30
C GLN A 141 -3.33 -6.34 -21.38
N ILE A 142 -4.60 -6.57 -20.98
CA ILE A 142 -5.77 -6.55 -21.87
C ILE A 142 -5.97 -5.12 -22.40
N THR A 143 -5.77 -4.11 -21.53
CA THR A 143 -5.86 -2.67 -21.84
C THR A 143 -4.71 -2.26 -22.79
N LYS A 144 -3.53 -2.90 -22.66
CA LYS A 144 -2.37 -2.66 -23.51
C LYS A 144 -2.63 -3.16 -24.94
N ARG A 145 -3.18 -4.38 -25.08
CA ARG A 145 -3.51 -5.00 -26.37
C ARG A 145 -4.66 -4.30 -27.09
N LYS A 146 -5.60 -3.72 -26.34
CA LYS A 146 -6.75 -2.96 -26.84
C LYS A 146 -6.29 -1.61 -27.39
N TRP A 147 -5.24 -1.02 -26.76
CA TRP A 147 -4.66 0.28 -27.12
C TRP A 147 -3.59 0.17 -28.20
N GLU A 148 -3.08 -1.05 -28.42
CA GLU A 148 -2.09 -1.34 -29.47
C GLU A 148 -2.80 -1.60 -30.79
N ALA A 149 -3.99 -2.26 -30.73
CA ALA A 149 -4.82 -2.58 -31.89
C ALA A 149 -5.52 -1.32 -32.44
N ALA A 150 -5.91 -0.39 -31.56
CA ALA A 150 -6.55 0.87 -31.93
C ALA A 150 -5.52 1.95 -32.32
N HIS A 151 -4.22 1.67 -32.08
CA HIS A 151 -3.08 2.58 -32.34
C HIS A 151 -3.22 3.92 -31.57
N ALA A 152 -3.71 3.82 -30.31
CA ALA A 152 -3.93 4.93 -29.39
C ALA A 152 -2.62 5.61 -28.92
N ALA A 153 -1.46 4.93 -29.08
CA ALA A 153 -0.15 5.47 -28.71
C ALA A 153 0.25 6.66 -29.59
N GLU A 154 -0.30 6.74 -30.81
CA GLU A 154 -0.06 7.83 -31.76
C GLU A 154 -0.86 9.09 -31.41
N GLN A 155 -2.08 8.92 -30.88
CA GLN A 155 -2.91 10.05 -30.45
C GLN A 155 -2.26 10.76 -29.26
N GLN A 156 -1.57 9.98 -28.39
CA GLN A 156 -0.87 10.47 -27.20
C GLN A 156 0.34 11.31 -27.56
N ARG A 157 1.23 10.78 -28.44
CA ARG A 157 2.44 11.45 -28.91
C ARG A 157 2.11 12.72 -29.71
N ALA A 158 0.97 12.73 -30.41
CA ALA A 158 0.48 13.90 -31.17
C ALA A 158 0.14 15.04 -30.22
N TYR A 159 -0.61 14.72 -29.14
CA TYR A 159 -1.04 15.66 -28.11
C TYR A 159 0.08 16.05 -27.14
N LEU A 160 1.10 15.20 -26.94
CA LEU A 160 2.18 15.49 -25.99
C LEU A 160 3.33 16.33 -26.55
N GLU A 161 3.94 15.93 -27.70
CA GLU A 161 5.06 16.68 -28.29
C GLU A 161 4.61 17.84 -29.21
N GLY A 162 3.31 17.97 -29.42
CA GLY A 162 2.67 19.03 -30.20
C GLY A 162 1.42 19.44 -29.47
N ARG A 163 0.91 20.68 -29.73
CA ARG A 163 -0.30 21.27 -29.11
C ARG A 163 -0.11 21.56 -27.60
N CYS A 164 0.29 20.55 -26.79
CA CYS A 164 0.58 20.67 -25.34
C CYS A 164 1.68 21.71 -25.17
N VAL A 165 2.78 21.55 -25.92
CA VAL A 165 3.92 22.47 -25.90
C VAL A 165 3.57 23.80 -26.57
N GLU A 166 2.65 23.78 -27.54
CA GLU A 166 2.21 24.97 -28.26
C GLU A 166 1.34 25.86 -27.37
N TRP A 167 0.54 25.24 -26.48
CA TRP A 167 -0.32 25.91 -25.49
C TRP A 167 0.45 26.27 -24.22
N LEU A 168 1.47 25.48 -23.84
CA LEU A 168 2.30 25.75 -22.66
C LEU A 168 3.18 27.01 -22.92
N ARG A 169 3.68 27.15 -24.17
CA ARG A 169 4.47 28.33 -24.59
C ARG A 169 3.55 29.56 -24.60
N ARG A 170 2.26 29.35 -24.92
CA ARG A 170 1.22 30.39 -24.93
C ARG A 170 0.86 30.80 -23.50
N TYR A 171 0.77 29.83 -22.57
CA TYR A 171 0.47 30.06 -21.17
C TYR A 171 1.60 30.82 -20.45
N LEU A 172 2.86 30.51 -20.81
CA LEU A 172 4.03 31.16 -20.21
C LEU A 172 4.20 32.61 -20.66
N GLU A 173 3.58 32.99 -21.81
CA GLU A 173 3.63 34.37 -22.30
C GLU A 173 2.46 35.19 -21.76
N ASN A 174 1.25 34.59 -21.70
CA ASN A 174 0.03 35.21 -21.17
C ASN A 174 0.16 35.51 -19.68
N GLY A 175 0.98 34.73 -18.97
CA GLY A 175 1.25 34.90 -17.56
C GLY A 175 2.73 35.00 -17.25
N LYS A 176 3.43 35.93 -17.93
CA LYS A 176 4.87 36.15 -17.77
C LYS A 176 5.24 36.88 -16.45
N GLU A 177 4.22 37.31 -15.67
CA GLU A 177 4.41 38.03 -14.41
C GLU A 177 4.14 37.13 -13.20
N THR A 178 3.27 36.13 -13.38
CA THR A 178 2.81 35.20 -12.36
C THR A 178 3.63 33.91 -12.30
N LEU A 179 3.96 33.33 -13.47
CA LEU A 179 4.65 32.04 -13.56
C LEU A 179 6.17 32.13 -13.66
N GLN A 180 6.70 33.22 -14.23
CA GLN A 180 8.14 33.40 -14.39
C GLN A 180 8.85 33.81 -13.08
N ARG A 181 8.07 33.95 -11.99
CA ARG A 181 8.56 34.32 -10.67
C ARG A 181 9.32 33.19 -9.95
N THR A 182 10.35 33.58 -9.16
CA THR A 182 11.15 32.68 -8.33
C THR A 182 11.29 33.36 -6.97
N ASP A 183 10.27 33.19 -6.12
CA ASP A 183 10.27 33.81 -4.79
C ASP A 183 11.21 33.04 -3.86
N PRO A 184 12.26 33.71 -3.35
CA PRO A 184 13.19 32.99 -2.46
C PRO A 184 12.62 32.89 -1.04
N PRO A 185 12.98 31.82 -0.29
CA PRO A 185 12.43 31.67 1.07
C PRO A 185 12.93 32.70 2.09
N LYS A 186 12.06 32.99 3.07
CA LYS A 186 12.33 33.87 4.17
C LYS A 186 12.59 32.93 5.35
N THR A 187 13.88 32.68 5.62
CA THR A 187 14.35 31.74 6.64
C THR A 187 14.52 32.36 8.02
N HIS A 188 14.50 31.50 9.07
CA HIS A 188 14.68 31.83 10.50
C HIS A 188 14.75 30.60 11.39
N MET A 189 15.53 30.70 12.48
CA MET A 189 15.73 29.65 13.47
C MET A 189 15.02 29.93 14.80
N THR A 190 14.45 28.87 15.40
CA THR A 190 13.80 28.89 16.70
C THR A 190 14.45 27.83 17.59
N HIS A 191 14.47 28.07 18.91
CA HIS A 191 15.07 27.15 19.88
C HIS A 191 14.13 26.93 21.05
N HIS A 192 13.79 25.66 21.30
CA HIS A 192 12.87 25.26 22.34
C HIS A 192 13.48 24.16 23.22
N PRO A 193 13.56 24.36 24.54
CA PRO A 193 14.12 23.31 25.41
C PRO A 193 13.12 22.19 25.64
N ILE A 194 13.52 20.96 25.30
CA ILE A 194 12.68 19.75 25.49
C ILE A 194 12.99 19.05 26.81
N SER A 195 14.28 19.07 27.20
CA SER A 195 14.80 18.44 28.42
C SER A 195 15.78 19.37 29.14
N ASP A 196 16.16 18.98 30.37
CA ASP A 196 17.12 19.67 31.23
C ASP A 196 18.59 19.43 30.78
N HIS A 197 18.77 18.67 29.67
CA HIS A 197 20.08 18.34 29.07
C HIS A 197 20.02 18.16 27.53
N GLU A 198 18.86 18.47 26.90
CA GLU A 198 18.64 18.41 25.45
C GLU A 198 17.63 19.44 24.96
N ALA A 199 17.87 20.02 23.77
CA ALA A 199 17.01 21.07 23.19
C ALA A 199 16.77 20.89 21.68
N THR A 200 15.60 21.34 21.20
CA THR A 200 15.18 21.24 19.79
C THR A 200 15.45 22.53 19.02
N LEU A 201 16.08 22.41 17.84
CA LEU A 201 16.42 23.53 16.95
C LEU A 201 15.62 23.44 15.65
N ARG A 202 14.63 24.34 15.46
CA ARG A 202 13.79 24.37 14.27
C ARG A 202 14.21 25.47 13.29
N CYS A 203 14.48 25.07 12.05
CA CYS A 203 14.92 25.93 10.95
C CYS A 203 13.75 26.09 9.95
N TRP A 204 13.21 27.31 9.79
CA TRP A 204 12.07 27.64 8.93
C TRP A 204 12.45 28.23 7.58
N ALA A 205 11.50 28.15 6.62
CA ALA A 205 11.59 28.69 5.25
C ALA A 205 10.15 28.94 4.79
N LEU A 206 9.75 30.22 4.74
CA LEU A 206 8.39 30.59 4.36
C LEU A 206 8.33 31.48 3.11
N GLY A 207 7.19 31.45 2.43
CA GLY A 207 6.90 32.26 1.27
C GLY A 207 7.72 32.02 0.02
N PHE A 208 8.11 30.76 -0.24
CA PHE A 208 8.91 30.43 -1.41
C PHE A 208 8.09 29.82 -2.55
N TYR A 209 8.59 30.04 -3.79
CA TYR A 209 8.05 29.48 -5.03
C TYR A 209 9.22 29.36 -6.02
N PRO A 210 9.42 28.18 -6.67
CA PRO A 210 8.63 26.94 -6.58
C PRO A 210 8.92 26.08 -5.34
N ALA A 211 7.99 25.16 -5.01
CA ALA A 211 8.02 24.25 -3.86
C ALA A 211 9.34 23.48 -3.64
N GLU A 212 10.10 23.20 -4.74
CA GLU A 212 11.39 22.50 -4.68
C GLU A 212 12.39 23.33 -3.90
N ILE A 213 12.80 22.79 -2.75
CA ILE A 213 13.71 23.40 -1.78
C ILE A 213 14.44 22.29 -1.01
N THR A 214 15.70 22.55 -0.61
CA THR A 214 16.50 21.60 0.16
C THR A 214 16.88 22.20 1.54
N LEU A 215 16.38 21.58 2.61
CA LEU A 215 16.67 21.99 3.98
C LEU A 215 17.53 20.88 4.57
N THR A 216 18.79 21.20 4.84
CA THR A 216 19.78 20.23 5.31
C THR A 216 20.39 20.69 6.62
N TRP A 217 20.45 19.79 7.60
CA TRP A 217 21.08 20.05 8.90
C TRP A 217 22.47 19.42 8.88
N GLN A 218 23.47 20.17 9.37
CA GLN A 218 24.86 19.72 9.43
C GLN A 218 25.46 20.01 10.81
N ARG A 219 26.48 19.22 11.21
CA ARG A 219 27.28 19.36 12.43
C ARG A 219 28.73 19.20 11.98
N ASP A 220 29.45 20.36 11.82
CA ASP A 220 30.82 20.51 11.29
C ASP A 220 30.84 20.24 9.77
N GLY A 221 29.86 20.83 9.06
CA GLY A 221 29.71 20.64 7.62
C GLY A 221 29.29 19.24 7.23
N GLU A 222 29.27 18.30 8.21
CA GLU A 222 28.91 16.88 8.08
C GLU A 222 27.40 16.65 8.26
N ASP A 223 26.71 16.31 7.14
CA ASP A 223 25.26 16.08 7.04
C ASP A 223 24.65 15.19 8.14
N GLN A 224 23.88 15.82 9.05
CA GLN A 224 23.19 15.18 10.17
C GLN A 224 21.88 14.54 9.70
N THR A 225 21.84 13.20 9.64
CA THR A 225 20.65 12.44 9.22
C THR A 225 19.85 11.93 10.42
N GLN A 226 20.53 11.35 11.41
CA GLN A 226 19.94 10.85 12.64
C GLN A 226 19.53 12.04 13.52
N ASP A 227 18.46 11.86 14.33
CA ASP A 227 17.89 12.84 15.27
C ASP A 227 17.35 14.07 14.56
N THR A 228 16.77 13.87 13.35
CA THR A 228 16.25 14.95 12.52
C THR A 228 14.82 14.64 12.05
N GLU A 229 13.94 15.65 12.14
CA GLU A 229 12.56 15.59 11.70
C GLU A 229 12.35 16.56 10.54
N LEU A 230 11.73 16.08 9.46
CA LEU A 230 11.45 16.88 8.27
C LEU A 230 9.99 16.79 7.90
N VAL A 231 9.34 17.92 7.70
CA VAL A 231 7.94 17.96 7.28
C VAL A 231 7.88 18.20 5.77
N GLU A 232 6.82 17.71 5.13
CA GLU A 232 6.59 17.88 3.68
C GLU A 232 6.24 19.34 3.36
N THR A 233 6.69 19.83 2.17
CA THR A 233 6.47 21.20 1.67
C THR A 233 4.96 21.49 1.63
N ARG A 234 4.50 22.39 2.50
CA ARG A 234 3.08 22.71 2.65
C ARG A 234 2.67 23.99 1.93
N PRO A 235 1.46 24.06 1.35
CA PRO A 235 1.04 25.31 0.70
C PRO A 235 0.69 26.39 1.71
N ALA A 236 0.83 27.65 1.30
CA ALA A 236 0.48 28.77 2.13
C ALA A 236 -0.96 29.17 1.80
N GLY A 237 -1.39 28.88 0.57
CA GLY A 237 -2.73 29.18 0.07
C GLY A 237 -2.79 30.49 -0.70
N ASP A 238 -1.68 31.23 -0.73
CA ASP A 238 -1.56 32.51 -1.43
C ASP A 238 -0.56 32.46 -2.60
N GLY A 239 -0.22 31.24 -3.02
CA GLY A 239 0.70 30.98 -4.12
C GLY A 239 2.13 30.73 -3.71
N THR A 240 2.37 30.47 -2.43
CA THR A 240 3.70 30.20 -1.91
C THR A 240 3.68 28.95 -1.07
N PHE A 241 4.87 28.46 -0.72
CA PHE A 241 5.03 27.24 0.07
C PHE A 241 5.88 27.46 1.32
N GLN A 242 5.74 26.56 2.31
CA GLN A 242 6.40 26.59 3.61
C GLN A 242 7.01 25.24 3.93
N LYS A 243 8.16 25.23 4.62
CA LYS A 243 8.86 24.01 5.03
C LYS A 243 9.74 24.26 6.26
N TRP A 244 9.98 23.21 7.08
CA TRP A 244 10.86 23.26 8.24
C TRP A 244 11.56 21.94 8.52
N ALA A 245 12.77 22.02 9.11
CA ALA A 245 13.60 20.88 9.50
C ALA A 245 14.04 21.09 10.94
N ALA A 246 13.74 20.13 11.83
CA ALA A 246 14.07 20.23 13.25
C ALA A 246 15.18 19.27 13.62
N VAL A 247 16.07 19.67 14.56
CA VAL A 247 17.15 18.79 15.02
C VAL A 247 17.26 18.80 16.57
N VAL A 248 17.43 17.59 17.16
CA VAL A 248 17.57 17.43 18.62
C VAL A 248 19.05 17.47 18.94
N VAL A 249 19.46 18.55 19.65
CA VAL A 249 20.84 18.84 20.00
C VAL A 249 21.11 18.76 21.51
N PRO A 250 22.33 18.35 21.95
CA PRO A 250 22.64 18.41 23.39
C PRO A 250 22.83 19.88 23.78
N SER A 251 22.19 20.32 24.87
CA SER A 251 22.26 21.70 25.35
C SER A 251 23.70 22.18 25.48
N GLY A 252 23.94 23.41 25.01
CA GLY A 252 25.28 23.99 24.97
C GLY A 252 25.97 23.76 23.64
N GLU A 253 25.51 22.74 22.86
CA GLU A 253 26.06 22.39 21.54
C GLU A 253 25.32 23.03 20.34
N GLU A 254 24.42 24.01 20.60
CA GLU A 254 23.64 24.75 19.59
C GLU A 254 24.52 25.32 18.44
N GLN A 255 25.66 25.96 18.81
CA GLN A 255 26.68 26.60 17.95
C GLN A 255 27.32 25.64 16.92
N ARG A 256 27.48 24.35 17.28
CA ARG A 256 28.08 23.30 16.45
C ARG A 256 27.21 22.94 15.22
N TYR A 257 25.89 23.11 15.34
CA TYR A 257 24.94 22.78 14.28
C TYR A 257 24.70 23.93 13.32
N THR A 258 24.38 23.60 12.05
CA THR A 258 24.12 24.57 10.97
C THR A 258 23.07 24.06 9.96
N CYS A 259 22.07 24.93 9.64
CA CYS A 259 20.98 24.68 8.69
C CYS A 259 21.29 25.34 7.35
N HIS A 260 21.28 24.54 6.28
CA HIS A 260 21.53 24.96 4.89
C HIS A 260 20.25 24.94 4.08
N VAL A 261 19.96 26.06 3.39
CA VAL A 261 18.75 26.22 2.58
C VAL A 261 19.13 26.47 1.12
N GLN A 262 18.69 25.56 0.23
CA GLN A 262 18.94 25.62 -1.20
C GLN A 262 17.60 25.82 -1.92
N HIS A 263 17.55 26.81 -2.85
CA HIS A 263 16.35 27.16 -3.62
C HIS A 263 16.73 27.91 -4.90
N GLU A 264 15.87 27.79 -5.95
CA GLU A 264 15.99 28.44 -7.26
C GLU A 264 16.10 29.99 -7.15
N GLY A 265 15.29 30.57 -6.27
CA GLY A 265 15.21 32.02 -6.03
C GLY A 265 16.39 32.67 -5.33
N LEU A 266 17.24 31.88 -4.62
CA LEU A 266 18.41 32.39 -3.90
C LEU A 266 19.68 32.36 -4.78
N PRO A 267 20.48 33.45 -4.84
CA PRO A 267 21.71 33.41 -5.67
C PRO A 267 22.84 32.54 -5.09
N LYS A 268 22.92 32.47 -3.74
CA LYS A 268 23.90 31.70 -2.98
C LYS A 268 23.21 31.08 -1.75
N PRO A 269 23.23 29.73 -1.60
CA PRO A 269 22.54 29.08 -0.47
C PRO A 269 22.87 29.61 0.92
N LEU A 270 21.81 29.80 1.74
CA LEU A 270 21.86 30.32 3.11
C LEU A 270 22.43 29.31 4.11
N THR A 271 22.94 29.83 5.24
CA THR A 271 23.52 29.08 6.35
C THR A 271 23.06 29.77 7.64
N LEU A 272 22.17 29.10 8.39
CA LEU A 272 21.62 29.66 9.63
C LEU A 272 22.17 28.95 10.87
N ARG A 273 22.64 29.76 11.86
CA ARG A 273 23.25 29.31 13.11
C ARG A 273 22.66 30.05 14.32
N TRP A 274 22.44 29.32 15.41
CA TRP A 274 21.88 29.85 16.65
C TRP A 274 22.93 30.62 17.47
N GLU A 275 22.49 31.69 18.17
CA GLU A 275 23.32 32.55 19.01
C GLU A 275 22.82 32.53 20.45
N MET B 1 -6.72 -4.70 -1.15
CA MET B 1 -6.69 -3.35 -1.71
C MET B 1 -5.92 -2.40 -0.79
N ILE B 2 -4.99 -1.62 -1.40
CA ILE B 2 -4.09 -0.65 -0.76
C ILE B 2 -4.86 0.56 -0.19
N GLN B 3 -4.46 1.03 1.01
CA GLN B 3 -5.04 2.18 1.73
C GLN B 3 -3.96 2.90 2.54
N ARG B 4 -3.95 4.24 2.52
CA ARG B 4 -2.95 5.05 3.24
C ARG B 4 -3.54 6.00 4.29
N THR B 5 -2.84 6.14 5.43
CA THR B 5 -3.22 6.97 6.58
C THR B 5 -2.91 8.45 6.28
N PRO B 6 -3.80 9.41 6.61
CA PRO B 6 -3.48 10.82 6.31
C PRO B 6 -2.49 11.49 7.26
N LYS B 7 -1.60 12.29 6.68
CA LYS B 7 -0.61 13.11 7.38
C LYS B 7 -1.25 14.50 7.52
N ILE B 8 -1.41 15.00 8.76
CA ILE B 8 -2.02 16.32 9.00
C ILE B 8 -0.96 17.36 9.42
N GLN B 9 -1.21 18.65 9.10
CA GLN B 9 -0.37 19.79 9.46
C GLN B 9 -1.28 20.98 9.80
N VAL B 10 -1.08 21.60 10.98
CA VAL B 10 -1.91 22.75 11.37
C VAL B 10 -1.04 23.98 11.54
N TYR B 11 -1.27 24.97 10.69
CA TYR B 11 -0.46 26.18 10.65
C TYR B 11 -1.25 27.39 10.17
N SER B 12 -0.68 28.60 10.30
CA SER B 12 -1.28 29.84 9.84
C SER B 12 -0.53 30.32 8.59
N ARG B 13 -1.20 31.11 7.72
CA ARG B 13 -0.65 31.62 6.46
C ARG B 13 0.63 32.45 6.64
N HIS B 14 0.60 33.40 7.59
CA HIS B 14 1.71 34.31 7.96
C HIS B 14 2.09 34.08 9.44
N PRO B 15 3.25 34.56 9.96
CA PRO B 15 3.55 34.31 11.38
C PRO B 15 2.51 34.97 12.29
N ALA B 16 1.82 34.14 13.08
CA ALA B 16 0.73 34.53 13.98
C ALA B 16 1.11 35.61 14.99
N GLU B 17 0.36 36.72 14.93
CA GLU B 17 0.48 37.88 15.81
C GLU B 17 -0.94 38.22 16.25
N ASN B 18 -1.19 38.12 17.58
CA ASN B 18 -2.49 38.37 18.21
C ASN B 18 -3.14 39.68 17.78
N GLY B 19 -4.35 39.58 17.24
CA GLY B 19 -5.13 40.74 16.79
C GLY B 19 -5.15 40.99 15.29
N LYS B 20 -4.08 40.61 14.58
CA LYS B 20 -4.03 40.81 13.13
C LYS B 20 -4.59 39.61 12.38
N SER B 21 -5.43 39.88 11.36
CA SER B 21 -6.09 38.87 10.53
C SER B 21 -5.08 37.92 9.85
N ASN B 22 -5.46 36.64 9.74
CA ASN B 22 -4.66 35.59 9.13
C ASN B 22 -5.60 34.57 8.47
N PHE B 23 -5.07 33.37 8.16
CA PHE B 23 -5.80 32.25 7.57
C PHE B 23 -5.27 30.98 8.23
N LEU B 24 -6.19 30.18 8.84
CA LEU B 24 -5.83 28.92 9.49
C LEU B 24 -5.91 27.81 8.47
N ASN B 25 -4.78 27.13 8.26
CA ASN B 25 -4.60 26.04 7.31
C ASN B 25 -4.50 24.67 7.96
N CYS B 26 -5.13 23.67 7.32
CA CYS B 26 -5.06 22.26 7.68
C CYS B 26 -4.81 21.45 6.41
N TYR B 27 -3.54 21.12 6.18
CA TYR B 27 -3.06 20.39 5.02
C TYR B 27 -2.95 18.88 5.27
N VAL B 28 -3.90 18.11 4.71
CA VAL B 28 -3.94 16.65 4.80
C VAL B 28 -3.30 16.02 3.57
N SER B 29 -2.32 15.13 3.78
CA SER B 29 -1.52 14.51 2.73
C SER B 29 -1.37 13.00 2.87
N GLY B 30 -0.88 12.38 1.81
CA GLY B 30 -0.56 10.96 1.72
C GLY B 30 -1.67 9.99 2.08
N PHE B 31 -2.91 10.34 1.77
CA PHE B 31 -4.03 9.47 2.09
C PHE B 31 -4.63 8.79 0.86
N HIS B 32 -5.25 7.63 1.09
CA HIS B 32 -5.96 6.81 0.11
C HIS B 32 -6.96 5.89 0.82
N PRO B 33 -8.26 5.87 0.43
CA PRO B 33 -8.93 6.57 -0.69
C PRO B 33 -9.12 8.07 -0.53
N SER B 34 -9.71 8.67 -1.57
CA SER B 34 -10.02 10.09 -1.70
C SER B 34 -11.05 10.60 -0.67
N ASP B 35 -12.08 9.79 -0.33
CA ASP B 35 -13.09 10.21 0.64
C ASP B 35 -12.51 10.49 2.04
N ILE B 36 -12.59 11.77 2.48
CA ILE B 36 -12.08 12.25 3.76
C ILE B 36 -12.92 13.44 4.34
N GLU B 37 -13.17 13.41 5.67
CA GLU B 37 -13.91 14.45 6.40
C GLU B 37 -12.90 15.28 7.20
N VAL B 38 -12.79 16.58 6.89
CA VAL B 38 -11.84 17.47 7.56
C VAL B 38 -12.58 18.67 8.19
N ASP B 39 -12.33 18.93 9.48
CA ASP B 39 -12.91 20.01 10.24
C ASP B 39 -11.83 20.87 10.90
N LEU B 40 -12.17 22.13 11.21
CA LEU B 40 -11.30 23.08 11.90
C LEU B 40 -12.04 23.54 13.16
N LEU B 41 -11.37 23.42 14.32
CA LEU B 41 -11.98 23.72 15.61
C LEU B 41 -11.47 24.97 16.32
N LYS B 42 -12.39 25.69 16.96
CA LYS B 42 -12.13 26.90 17.74
C LYS B 42 -12.65 26.60 19.15
N ASN B 43 -11.72 26.37 20.09
CA ASN B 43 -11.98 26.05 21.51
C ASN B 43 -12.89 24.80 21.71
N GLY B 44 -12.86 23.87 20.75
CA GLY B 44 -13.65 22.64 20.78
C GLY B 44 -14.82 22.62 19.81
N GLU B 45 -15.42 23.79 19.55
CA GLU B 45 -16.55 23.95 18.63
C GLU B 45 -16.08 24.06 17.18
N ARG B 46 -16.89 23.54 16.24
CA ARG B 46 -16.62 23.56 14.79
C ARG B 46 -16.61 24.97 14.23
N ILE B 47 -15.82 25.20 13.17
CA ILE B 47 -15.79 26.49 12.49
C ILE B 47 -16.61 26.32 11.22
N GLU B 48 -17.71 27.04 11.11
CA GLU B 48 -18.57 26.97 9.93
C GLU B 48 -17.99 27.81 8.80
N LYS B 49 -18.37 27.48 7.54
CA LYS B 49 -17.93 28.18 6.32
C LYS B 49 -16.40 27.97 6.10
N VAL B 50 -15.98 26.69 6.02
CA VAL B 50 -14.57 26.29 5.79
C VAL B 50 -14.36 25.85 4.34
N GLU B 51 -13.47 26.54 3.62
CA GLU B 51 -13.18 26.25 2.21
C GLU B 51 -12.01 25.31 2.02
N HIS B 52 -11.95 24.62 0.86
CA HIS B 52 -10.88 23.69 0.54
C HIS B 52 -10.44 23.72 -0.92
N SER B 53 -9.24 23.18 -1.18
CA SER B 53 -8.63 23.08 -2.50
C SER B 53 -9.21 21.90 -3.30
N ASP B 54 -8.84 21.79 -4.58
CA ASP B 54 -9.31 20.70 -5.42
C ASP B 54 -8.40 19.50 -5.26
N LEU B 55 -9.01 18.30 -5.19
CA LEU B 55 -8.30 17.04 -4.98
C LEU B 55 -7.32 16.68 -6.10
N SER B 56 -6.05 16.53 -5.71
CA SER B 56 -4.93 16.12 -6.55
C SER B 56 -4.14 15.03 -5.83
N PHE B 57 -3.12 14.46 -6.50
CA PHE B 57 -2.27 13.40 -5.94
C PHE B 57 -0.77 13.65 -6.20
N SER B 58 0.09 12.78 -5.60
CA SER B 58 1.56 12.82 -5.63
C SER B 58 2.17 11.62 -6.42
N LYS B 59 3.50 11.37 -6.29
CA LYS B 59 4.23 10.30 -6.99
C LYS B 59 3.69 8.88 -6.71
N ASP B 60 3.27 8.63 -5.44
CA ASP B 60 2.71 7.35 -4.98
C ASP B 60 1.16 7.31 -5.02
N TRP B 61 0.53 8.26 -5.77
CA TRP B 61 -0.92 8.40 -5.97
C TRP B 61 -1.67 8.86 -4.69
N SER B 62 -0.91 9.31 -3.69
CA SER B 62 -1.40 9.81 -2.42
C SER B 62 -2.08 11.14 -2.60
N PHE B 63 -3.30 11.26 -2.06
CA PHE B 63 -4.10 12.47 -2.16
C PHE B 63 -3.70 13.53 -1.17
N TYR B 64 -3.93 14.80 -1.54
CA TYR B 64 -3.65 15.96 -0.70
C TYR B 64 -4.71 17.04 -0.85
N LEU B 65 -5.07 17.68 0.27
CA LEU B 65 -6.05 18.77 0.32
C LEU B 65 -5.63 19.83 1.34
N LEU B 66 -5.98 21.09 1.06
CA LEU B 66 -5.72 22.21 1.96
C LEU B 66 -7.06 22.78 2.40
N TYR B 67 -7.36 22.71 3.71
CA TYR B 67 -8.59 23.26 4.29
C TYR B 67 -8.23 24.57 4.97
N TYR B 68 -8.80 25.68 4.48
CA TYR B 68 -8.48 27.03 4.97
C TYR B 68 -9.71 27.86 5.40
N THR B 69 -9.52 28.76 6.39
CA THR B 69 -10.51 29.69 6.91
C THR B 69 -9.83 30.95 7.46
N GLU B 70 -10.41 32.13 7.22
CA GLU B 70 -9.87 33.38 7.73
C GLU B 70 -10.10 33.46 9.24
N PHE B 71 -9.10 33.94 10.00
CA PHE B 71 -9.22 34.03 11.45
C PHE B 71 -8.37 35.15 12.07
N THR B 72 -8.59 35.43 13.36
CA THR B 72 -7.85 36.42 14.13
C THR B 72 -7.32 35.74 15.40
N PRO B 73 -6.00 35.45 15.48
CA PRO B 73 -5.50 34.78 16.69
C PRO B 73 -5.44 35.70 17.91
N THR B 74 -5.77 35.13 19.08
CA THR B 74 -5.76 35.80 20.40
C THR B 74 -5.09 34.82 21.38
N GLU B 75 -4.52 35.33 22.49
CA GLU B 75 -3.81 34.48 23.47
C GLU B 75 -4.72 33.39 24.08
N LYS B 76 -5.94 33.77 24.45
CA LYS B 76 -6.96 32.92 25.07
C LYS B 76 -7.45 31.79 24.13
N ASP B 77 -7.86 32.15 22.88
CA ASP B 77 -8.40 31.22 21.87
C ASP B 77 -7.41 30.16 21.38
N GLU B 78 -7.86 28.89 21.41
CA GLU B 78 -7.11 27.71 21.00
C GLU B 78 -7.70 27.11 19.73
N TYR B 79 -6.84 26.82 18.74
CA TYR B 79 -7.25 26.23 17.46
C TYR B 79 -6.74 24.80 17.27
N ALA B 80 -7.50 24.00 16.48
CA ALA B 80 -7.20 22.60 16.15
C ALA B 80 -7.87 22.18 14.83
N CYS B 81 -7.65 20.92 14.38
CA CYS B 81 -8.18 20.36 13.14
C CYS B 81 -8.62 18.89 13.36
N ARG B 82 -9.93 18.59 13.18
CA ARG B 82 -10.48 17.24 13.33
C ARG B 82 -10.56 16.51 11.99
N VAL B 83 -9.84 15.38 11.85
CA VAL B 83 -9.81 14.63 10.61
C VAL B 83 -10.36 13.21 10.79
N ASN B 84 -11.23 12.81 9.85
CA ASN B 84 -11.86 11.50 9.80
C ASN B 84 -11.62 10.85 8.45
N HIS B 85 -11.15 9.60 8.47
CA HIS B 85 -10.83 8.79 7.30
C HIS B 85 -11.15 7.30 7.58
N VAL B 86 -11.44 6.52 6.52
CA VAL B 86 -11.76 5.07 6.58
C VAL B 86 -10.64 4.23 7.27
N THR B 87 -9.36 4.63 7.12
CA THR B 87 -8.21 3.94 7.72
C THR B 87 -8.24 4.02 9.25
N LEU B 88 -8.62 5.20 9.79
CA LEU B 88 -8.65 5.47 11.22
C LEU B 88 -9.85 4.86 11.96
N SER B 89 -9.62 4.41 13.20
CA SER B 89 -10.62 3.80 14.10
C SER B 89 -11.46 4.90 14.79
N GLN B 90 -10.80 6.00 15.18
CA GLN B 90 -11.41 7.18 15.82
C GLN B 90 -10.89 8.47 15.17
N PRO B 91 -11.68 9.58 15.17
CA PRO B 91 -11.19 10.81 14.55
C PRO B 91 -10.02 11.41 15.34
N LYS B 92 -8.88 11.65 14.66
CA LYS B 92 -7.70 12.22 15.30
C LYS B 92 -7.64 13.74 15.13
N ILE B 93 -7.36 14.44 16.25
CA ILE B 93 -7.28 15.89 16.30
C ILE B 93 -5.87 16.36 16.59
N VAL B 94 -5.40 17.35 15.83
CA VAL B 94 -4.08 17.94 16.09
C VAL B 94 -4.23 19.42 16.34
N LYS B 95 -3.81 19.84 17.54
CA LYS B 95 -3.88 21.23 18.00
C LYS B 95 -2.91 22.10 17.22
N TRP B 96 -3.23 23.39 17.08
CA TRP B 96 -2.39 24.35 16.39
C TRP B 96 -1.34 24.91 17.35
N ASP B 97 -0.07 24.79 16.97
CA ASP B 97 1.10 25.28 17.70
C ASP B 97 1.69 26.43 16.89
N ARG B 98 1.90 27.57 17.54
CA ARG B 98 2.40 28.79 16.91
C ARG B 98 3.83 28.67 16.31
N ASP B 99 4.51 27.52 16.53
CA ASP B 99 5.81 27.20 15.95
C ASP B 99 5.90 25.72 15.57
N MET B 100 5.12 25.32 14.56
CA MET B 100 5.05 23.96 14.00
C MET B 100 4.31 23.93 12.66
N SER C 1 -5.12 23.33 -22.27
CA SER C 1 -5.77 22.43 -23.20
C SER C 1 -5.67 20.97 -22.75
N ALA C 2 -6.83 20.32 -22.53
CA ALA C 2 -6.94 18.91 -22.10
C ALA C 2 -6.90 17.96 -23.32
N LEU C 3 -6.69 16.63 -23.08
CA LEU C 3 -6.64 15.63 -24.16
C LEU C 3 -8.01 15.41 -24.81
N GLU C 4 -8.11 15.75 -26.10
CA GLU C 4 -9.33 15.67 -26.92
C GLU C 4 -9.63 14.27 -27.45
N TRP C 5 -8.60 13.40 -27.55
CA TRP C 5 -8.80 12.04 -28.03
C TRP C 5 -8.66 11.04 -26.90
N ILE C 6 -9.84 10.70 -26.33
CA ILE C 6 -10.01 9.79 -25.20
C ILE C 6 -10.36 8.39 -25.72
N LYS C 7 -9.53 7.39 -25.32
CA LYS C 7 -9.64 5.99 -25.71
C LYS C 7 -10.26 5.09 -24.62
N ASN C 8 -11.29 4.30 -25.02
CA ASN C 8 -11.98 3.37 -24.12
C ASN C 8 -11.12 2.14 -23.83
N LYS C 9 -11.04 1.77 -22.54
CA LYS C 9 -10.26 0.61 -22.09
C LYS C 9 -11.15 -0.43 -21.39
N GLY D 1 12.81 -33.93 -3.67
CA GLY D 1 12.85 -32.60 -4.24
C GLY D 1 13.55 -31.56 -3.38
N SER D 2 13.33 -30.26 -3.69
CA SER D 2 13.92 -29.16 -2.95
C SER D 2 13.06 -28.76 -1.76
N HIS D 3 13.67 -28.75 -0.57
CA HIS D 3 12.99 -28.42 0.68
C HIS D 3 13.43 -27.08 1.27
N SER D 4 12.70 -26.61 2.29
CA SER D 4 12.97 -25.35 2.99
C SER D 4 12.39 -25.30 4.40
N MET D 5 13.10 -24.62 5.32
CA MET D 5 12.66 -24.36 6.68
C MET D 5 12.61 -22.86 6.87
N ARG D 6 11.49 -22.34 7.36
CA ARG D 6 11.30 -20.91 7.58
C ARG D 6 10.70 -20.60 8.95
N TYR D 7 10.97 -19.40 9.46
CA TYR D 7 10.43 -18.90 10.72
C TYR D 7 9.85 -17.50 10.51
N PHE D 8 8.57 -17.31 10.91
CA PHE D 8 7.82 -16.06 10.74
C PHE D 8 7.51 -15.44 12.11
N TYR D 9 7.96 -14.18 12.32
CA TYR D 9 7.79 -13.45 13.57
C TYR D 9 6.93 -12.23 13.38
N THR D 10 5.97 -12.01 14.31
CA THR D 10 5.05 -10.89 14.26
C THR D 10 4.96 -10.22 15.63
N SER D 11 5.28 -8.91 15.72
CA SER D 11 5.22 -8.15 16.97
C SER D 11 4.44 -6.83 16.80
N VAL D 12 3.25 -6.76 17.44
CA VAL D 12 2.34 -5.62 17.34
C VAL D 12 2.22 -4.85 18.68
N SER D 13 2.70 -3.59 18.69
CA SER D 13 2.66 -2.71 19.87
C SER D 13 1.23 -2.34 20.24
N ARG D 14 0.88 -2.58 21.53
CA ARG D 14 -0.46 -2.31 22.06
C ARG D 14 -0.36 -1.10 23.02
N PRO D 15 -0.79 0.11 22.61
CA PRO D 15 -0.62 1.28 23.49
C PRO D 15 -1.66 1.33 24.62
N GLY D 16 -1.15 1.23 25.86
CA GLY D 16 -1.94 1.24 27.07
C GLY D 16 -2.47 -0.13 27.47
N ARG D 17 -2.82 -0.95 26.46
CA ARG D 17 -3.37 -2.30 26.56
C ARG D 17 -2.39 -3.37 27.12
N GLY D 18 -1.14 -2.99 27.36
CA GLY D 18 -0.11 -3.88 27.91
C GLY D 18 1.07 -4.05 26.98
N GLU D 19 1.88 -5.11 27.23
CA GLU D 19 3.07 -5.44 26.42
C GLU D 19 2.68 -5.83 24.97
N PRO D 20 3.53 -5.55 23.94
CA PRO D 20 3.15 -5.90 22.55
C PRO D 20 2.96 -7.38 22.31
N ARG D 21 1.98 -7.75 21.48
CA ARG D 21 1.71 -9.14 21.18
C ARG D 21 2.74 -9.69 20.20
N PHE D 22 3.35 -10.84 20.55
CA PHE D 22 4.33 -11.51 19.72
C PHE D 22 3.85 -12.90 19.34
N ILE D 23 3.78 -13.17 18.02
CA ILE D 23 3.39 -14.46 17.45
C ILE D 23 4.55 -14.98 16.62
N ALA D 24 5.06 -16.17 16.97
CA ALA D 24 6.16 -16.86 16.28
C ALA D 24 5.65 -18.19 15.72
N VAL D 25 5.91 -18.43 14.42
CA VAL D 25 5.51 -19.67 13.73
C VAL D 25 6.64 -20.22 12.88
N GLY D 26 6.84 -21.54 12.97
CA GLY D 26 7.87 -22.27 12.25
C GLY D 26 7.28 -23.18 11.20
N TYR D 27 7.86 -23.14 10.00
CA TYR D 27 7.40 -23.93 8.86
C TYR D 27 8.52 -24.79 8.25
N VAL D 28 8.14 -26.00 7.79
CA VAL D 28 8.97 -26.94 7.03
C VAL D 28 8.13 -27.16 5.77
N ASP D 29 8.51 -26.47 4.67
CA ASP D 29 7.83 -26.43 3.37
C ASP D 29 6.46 -25.71 3.58
N ASP D 30 5.34 -26.42 3.42
CA ASP D 30 4.01 -25.87 3.61
C ASP D 30 3.37 -26.40 4.92
N THR D 31 4.14 -27.22 5.68
CA THR D 31 3.71 -27.79 6.95
C THR D 31 4.21 -26.92 8.10
N GLN D 32 3.29 -26.55 9.00
CA GLN D 32 3.59 -25.75 10.20
C GLN D 32 3.96 -26.71 11.32
N PHE D 33 5.16 -26.56 11.91
CA PHE D 33 5.61 -27.49 12.94
C PHE D 33 5.71 -26.88 14.36
N VAL D 34 5.95 -25.56 14.50
CA VAL D 34 6.03 -24.94 15.83
C VAL D 34 5.26 -23.62 15.93
N ARG D 35 4.87 -23.26 17.16
CA ARG D 35 4.11 -22.03 17.42
C ARG D 35 4.43 -21.45 18.80
N PHE D 36 4.36 -20.11 18.89
CA PHE D 36 4.51 -19.34 20.11
C PHE D 36 3.65 -18.08 20.04
N ASP D 37 2.99 -17.75 21.16
CA ASP D 37 2.12 -16.58 21.30
C ASP D 37 2.30 -15.94 22.68
N SER D 38 2.37 -14.60 22.72
CA SER D 38 2.54 -13.84 23.98
C SER D 38 1.26 -13.86 24.83
N ASP D 39 0.10 -13.99 24.17
CA ASP D 39 -1.21 -14.05 24.82
C ASP D 39 -1.69 -15.51 24.93
N ALA D 40 -0.77 -16.44 25.21
CA ALA D 40 -1.08 -17.87 25.33
C ALA D 40 -0.94 -18.39 26.76
N ALA D 41 -1.88 -19.28 27.13
CA ALA D 41 -1.95 -19.93 28.45
C ALA D 41 -0.74 -20.82 28.73
N SER D 42 -0.21 -21.50 27.69
CA SER D 42 0.93 -22.41 27.80
C SER D 42 2.22 -21.72 28.29
N GLN D 43 2.53 -20.53 27.72
CA GLN D 43 3.72 -19.71 27.97
C GLN D 43 5.03 -20.44 27.59
N ARG D 44 4.98 -21.22 26.49
CA ARG D 44 6.06 -22.03 25.94
C ARG D 44 5.91 -22.31 24.43
N MET D 45 7.01 -22.75 23.76
CA MET D 45 7.02 -23.13 22.35
C MET D 45 6.21 -24.42 22.24
N GLU D 46 5.35 -24.53 21.22
CA GLU D 46 4.49 -25.70 21.12
C GLU D 46 4.56 -26.45 19.80
N PRO D 47 4.41 -27.79 19.84
CA PRO D 47 4.38 -28.59 18.60
C PRO D 47 3.09 -28.38 17.80
N ARG D 48 3.20 -28.43 16.47
CA ARG D 48 2.07 -28.28 15.54
C ARG D 48 2.00 -29.46 14.55
N ALA D 49 2.98 -30.37 14.63
CA ALA D 49 3.13 -31.55 13.77
C ALA D 49 3.39 -32.84 14.61
N PRO D 50 2.94 -34.04 14.17
CA PRO D 50 3.20 -35.25 14.98
C PRO D 50 4.64 -35.79 14.94
N TRP D 51 5.54 -35.13 14.20
CA TRP D 51 6.94 -35.55 14.04
C TRP D 51 7.94 -34.68 14.83
N ILE D 52 7.45 -33.67 15.57
CA ILE D 52 8.29 -32.77 16.37
C ILE D 52 8.13 -33.09 17.89
N GLU D 53 7.02 -33.75 18.26
CA GLU D 53 6.66 -34.17 19.62
C GLU D 53 7.78 -34.98 20.31
N GLN D 54 8.54 -35.76 19.52
CA GLN D 54 9.62 -36.64 19.95
C GLN D 54 10.77 -35.94 20.71
N GLU D 55 11.33 -34.85 20.13
CA GLU D 55 12.49 -34.05 20.59
C GLU D 55 12.67 -33.98 22.12
N GLY D 56 11.59 -33.70 22.84
CA GLY D 56 11.59 -33.66 24.30
C GLY D 56 12.13 -32.44 25.01
N PRO D 57 12.12 -32.55 26.37
CA PRO D 57 12.54 -31.44 27.27
C PRO D 57 13.55 -30.38 26.79
N GLU D 58 14.86 -30.58 27.01
CA GLU D 58 15.93 -29.61 26.73
C GLU D 58 15.92 -28.98 25.31
N TYR D 59 15.11 -29.53 24.36
CA TYR D 59 14.97 -28.95 23.02
C TYR D 59 14.03 -27.75 23.11
N TRP D 60 12.80 -27.98 23.65
CA TRP D 60 11.76 -26.96 23.84
C TRP D 60 12.25 -25.86 24.75
N ASP D 61 12.96 -26.21 25.83
CA ASP D 61 13.51 -25.27 26.80
C ASP D 61 14.56 -24.32 26.22
N GLN D 62 15.11 -24.66 25.04
CA GLN D 62 16.07 -23.83 24.32
C GLN D 62 15.33 -22.99 23.27
N GLU D 63 14.26 -23.56 22.69
CA GLU D 63 13.44 -22.89 21.68
C GLU D 63 12.55 -21.82 22.29
N THR D 64 11.95 -22.12 23.46
CA THR D 64 11.03 -21.22 24.14
C THR D 64 11.74 -19.98 24.69
N ARG D 65 13.00 -20.12 25.14
CA ARG D 65 13.74 -18.97 25.66
C ARG D 65 14.27 -18.09 24.52
N ASN D 66 14.56 -18.70 23.37
CA ASN D 66 15.07 -18.02 22.17
C ASN D 66 14.06 -17.06 21.53
N VAL D 67 12.77 -17.46 21.46
CA VAL D 67 11.71 -16.61 20.89
C VAL D 67 11.28 -15.53 21.87
N LYS D 68 11.39 -15.80 23.19
CA LYS D 68 11.11 -14.84 24.25
C LYS D 68 12.19 -13.75 24.24
N ALA D 69 13.39 -14.11 23.74
CA ALA D 69 14.52 -13.19 23.59
C ALA D 69 14.31 -12.31 22.36
N GLN D 70 13.62 -12.83 21.34
CA GLN D 70 13.32 -12.07 20.12
C GLN D 70 12.13 -11.14 20.39
N SER D 71 11.12 -11.61 21.16
CA SER D 71 9.92 -10.87 21.56
C SER D 71 10.30 -9.63 22.36
N GLN D 72 11.30 -9.77 23.25
CA GLN D 72 11.78 -8.66 24.05
C GLN D 72 12.60 -7.71 23.22
N THR D 73 13.39 -8.21 22.25
CA THR D 73 14.17 -7.35 21.36
C THR D 73 13.22 -6.55 20.48
N ASP D 74 12.11 -7.20 20.05
CA ASP D 74 11.05 -6.57 19.26
C ASP D 74 10.38 -5.41 20.03
N ARG D 75 10.15 -5.58 21.37
CA ARG D 75 9.56 -4.56 22.24
C ARG D 75 10.47 -3.33 22.27
N VAL D 76 11.78 -3.55 22.40
CA VAL D 76 12.79 -2.49 22.41
C VAL D 76 12.87 -1.82 21.02
N ASP D 77 12.81 -2.62 19.94
CA ASP D 77 12.85 -2.15 18.55
C ASP D 77 11.62 -1.32 18.20
N LEU D 78 10.41 -1.74 18.64
CA LEU D 78 9.16 -1.02 18.39
C LEU D 78 9.24 0.43 18.84
N GLY D 79 9.84 0.65 20.01
CA GLY D 79 10.08 1.98 20.55
C GLY D 79 11.22 2.70 19.87
N THR D 80 12.27 1.96 19.45
CA THR D 80 13.47 2.48 18.78
C THR D 80 13.08 3.07 17.41
N LEU D 81 12.24 2.33 16.65
CA LEU D 81 11.75 2.72 15.34
C LEU D 81 10.70 3.86 15.44
N ARG D 82 9.98 3.93 16.59
CA ARG D 82 9.00 4.96 16.93
C ARG D 82 9.74 6.28 17.10
N GLY D 83 11.04 6.16 17.43
CA GLY D 83 11.97 7.27 17.57
C GLY D 83 12.54 7.65 16.23
N TYR D 84 13.02 6.64 15.45
CA TYR D 84 13.60 6.80 14.10
C TYR D 84 12.66 7.56 13.18
N TYR D 85 11.42 7.07 13.03
CA TYR D 85 10.35 7.74 12.28
C TYR D 85 9.61 8.45 13.39
N ASN D 86 9.67 9.78 13.46
CA ASN D 86 9.05 10.56 14.54
C ASN D 86 7.52 10.36 14.58
N GLN D 87 7.12 9.33 15.36
CA GLN D 87 5.75 8.85 15.55
C GLN D 87 5.27 9.01 17.00
N SER D 88 3.95 9.16 17.19
CA SER D 88 3.28 9.29 18.48
C SER D 88 3.43 8.02 19.32
N GLU D 89 3.35 8.17 20.63
CA GLU D 89 3.50 7.05 21.58
C GLU D 89 2.24 6.20 21.71
N ASP D 90 1.08 6.73 21.23
CA ASP D 90 -0.23 6.10 21.35
C ASP D 90 -0.75 5.35 20.09
N GLY D 91 0.06 5.24 19.05
CA GLY D 91 -0.30 4.52 17.84
C GLY D 91 0.16 3.06 17.87
N SER D 92 -0.60 2.16 17.21
CA SER D 92 -0.24 0.74 17.15
C SER D 92 0.63 0.44 15.90
N HIS D 93 1.82 -0.13 16.13
CA HIS D 93 2.78 -0.41 15.05
C HIS D 93 3.13 -1.89 14.93
N THR D 94 3.62 -2.31 13.74
CA THR D 94 3.93 -3.70 13.42
C THR D 94 5.36 -3.93 12.94
N ILE D 95 5.96 -5.03 13.41
CA ILE D 95 7.29 -5.50 13.00
C ILE D 95 7.11 -6.96 12.54
N GLN D 96 7.61 -7.27 11.35
CA GLN D 96 7.55 -8.62 10.78
C GLN D 96 8.96 -9.07 10.36
N ILE D 97 9.35 -10.27 10.80
CA ILE D 97 10.65 -10.88 10.52
C ILE D 97 10.48 -12.26 9.92
N MET D 98 11.04 -12.48 8.73
CA MET D 98 11.04 -13.76 8.00
C MET D 98 12.49 -14.16 7.76
N TYR D 99 12.82 -15.43 8.08
CA TYR D 99 14.14 -16.00 7.83
C TYR D 99 14.05 -17.51 7.66
N GLY D 100 14.94 -18.04 6.83
CA GLY D 100 14.99 -19.47 6.58
C GLY D 100 16.10 -19.92 5.65
N CYS D 101 16.01 -21.20 5.22
CA CYS D 101 16.99 -21.83 4.34
C CYS D 101 16.36 -22.82 3.37
N ASP D 102 16.96 -22.98 2.18
CA ASP D 102 16.56 -23.95 1.17
C ASP D 102 17.65 -25.05 1.02
N VAL D 103 17.21 -26.31 0.80
CA VAL D 103 18.08 -27.48 0.60
C VAL D 103 17.62 -28.31 -0.60
N GLY D 104 18.58 -28.79 -1.39
CA GLY D 104 18.32 -29.65 -2.54
C GLY D 104 18.12 -31.09 -2.09
N PRO D 105 17.67 -32.03 -2.97
CA PRO D 105 17.51 -33.43 -2.53
C PRO D 105 18.82 -34.06 -2.02
N ASP D 106 19.97 -33.41 -2.34
CA ASP D 106 21.32 -33.80 -1.91
C ASP D 106 21.62 -33.42 -0.44
N GLY D 107 20.66 -32.71 0.18
CA GLY D 107 20.72 -32.27 1.56
C GLY D 107 21.69 -31.15 1.86
N ARG D 108 22.05 -30.35 0.84
CA ARG D 108 22.98 -29.23 1.00
C ARG D 108 22.31 -27.88 0.70
N PHE D 109 22.79 -26.82 1.38
CA PHE D 109 22.34 -25.43 1.29
C PHE D 109 22.21 -24.93 -0.15
N LEU D 110 21.14 -24.17 -0.43
CA LEU D 110 20.85 -23.54 -1.72
C LEU D 110 20.69 -22.04 -1.54
N ARG D 111 19.90 -21.61 -0.54
CA ARG D 111 19.59 -20.19 -0.32
C ARG D 111 19.27 -19.84 1.14
N GLY D 112 19.52 -18.57 1.49
CA GLY D 112 19.29 -18.01 2.81
C GLY D 112 18.68 -16.63 2.69
N TYR D 113 17.66 -16.36 3.51
CA TYR D 113 16.93 -15.09 3.53
C TYR D 113 16.73 -14.56 4.94
N ARG D 114 16.67 -13.22 5.10
CA ARG D 114 16.46 -12.56 6.39
C ARG D 114 15.80 -11.18 6.20
N GLN D 115 14.56 -11.20 5.73
CA GLN D 115 13.76 -10.01 5.46
C GLN D 115 13.11 -9.49 6.77
N ASP D 116 13.04 -8.15 6.92
CA ASP D 116 12.44 -7.44 8.05
C ASP D 116 11.61 -6.28 7.51
N ALA D 117 10.43 -6.03 8.10
CA ALA D 117 9.52 -4.95 7.70
C ALA D 117 8.99 -4.16 8.90
N TYR D 118 8.57 -2.89 8.66
CA TYR D 118 7.95 -2.02 9.66
C TYR D 118 6.74 -1.34 9.03
N ASP D 119 5.57 -1.57 9.66
CA ASP D 119 4.25 -1.09 9.28
C ASP D 119 3.87 -1.58 7.86
N GLY D 120 4.26 -2.81 7.54
CA GLY D 120 3.92 -3.45 6.27
C GLY D 120 4.79 -3.11 5.07
N LYS D 121 5.85 -2.30 5.28
CA LYS D 121 6.82 -1.93 4.25
C LYS D 121 8.20 -2.38 4.68
N ASP D 122 9.05 -2.77 3.73
CA ASP D 122 10.42 -3.27 3.97
C ASP D 122 11.28 -2.32 4.80
N TYR D 123 11.97 -2.87 5.83
CA TYR D 123 12.88 -2.10 6.68
C TYR D 123 14.33 -2.43 6.35
N ILE D 124 14.87 -3.55 6.88
CA ILE D 124 16.23 -4.02 6.62
C ILE D 124 16.18 -5.50 6.19
N ALA D 125 16.96 -5.84 5.15
CA ALA D 125 17.04 -7.19 4.63
C ALA D 125 18.47 -7.61 4.34
N LEU D 126 18.76 -8.91 4.54
CA LEU D 126 20.07 -9.52 4.27
C LEU D 126 20.19 -9.83 2.78
N ASN D 127 21.35 -9.49 2.18
CA ASN D 127 21.61 -9.74 0.77
C ASN D 127 21.89 -11.19 0.48
N GLU D 128 21.80 -11.58 -0.80
CA GLU D 128 21.98 -12.96 -1.24
C GLU D 128 23.36 -13.55 -0.90
N ASP D 129 24.42 -12.71 -0.88
CA ASP D 129 25.77 -13.16 -0.52
C ASP D 129 25.93 -13.42 0.99
N LEU D 130 24.84 -13.21 1.78
CA LEU D 130 24.76 -13.40 3.24
C LEU D 130 25.84 -12.64 4.01
N ARG D 131 26.40 -11.58 3.40
CA ARG D 131 27.47 -10.80 4.02
C ARG D 131 27.16 -9.30 4.11
N SER D 132 26.18 -8.81 3.31
CA SER D 132 25.75 -7.41 3.24
C SER D 132 24.26 -7.23 3.56
N TRP D 133 23.81 -5.97 3.78
CA TRP D 133 22.42 -5.62 4.09
C TRP D 133 21.87 -4.57 3.11
N THR D 134 20.53 -4.46 3.01
CA THR D 134 19.86 -3.46 2.16
C THR D 134 18.78 -2.72 2.93
N ALA D 135 18.98 -1.41 3.12
CA ALA D 135 18.05 -0.52 3.81
C ALA D 135 17.14 0.19 2.81
N ALA D 136 15.82 0.16 3.05
CA ALA D 136 14.81 0.76 2.18
C ALA D 136 14.66 2.27 2.38
N ASP D 137 15.08 2.80 3.54
CA ASP D 137 15.02 4.23 3.86
C ASP D 137 16.18 4.71 4.79
N MET D 138 16.20 6.01 5.12
CA MET D 138 17.25 6.58 5.97
C MET D 138 17.22 6.08 7.42
N ALA D 139 16.03 5.67 7.94
CA ALA D 139 15.88 5.18 9.31
C ALA D 139 16.48 3.79 9.49
N ALA D 140 16.44 2.95 8.42
CA ALA D 140 16.97 1.58 8.39
C ALA D 140 18.50 1.55 8.19
N GLN D 141 19.07 2.68 7.71
CA GLN D 141 20.51 2.87 7.51
C GLN D 141 21.20 3.00 8.87
N ILE D 142 20.48 3.52 9.89
CA ILE D 142 20.94 3.66 11.28
C ILE D 142 21.19 2.26 11.86
N THR D 143 20.30 1.31 11.53
CA THR D 143 20.38 -0.08 11.94
C THR D 143 21.53 -0.73 11.18
N LYS D 144 21.61 -0.45 9.86
CA LYS D 144 22.62 -0.98 8.93
C LYS D 144 24.05 -0.69 9.44
N ARG D 145 24.34 0.56 9.84
CA ARG D 145 25.65 0.97 10.36
C ARG D 145 26.00 0.27 11.68
N LYS D 146 25.01 0.13 12.60
CA LYS D 146 25.17 -0.53 13.90
C LYS D 146 25.42 -2.03 13.71
N TRP D 147 24.63 -2.67 12.82
CA TRP D 147 24.72 -4.09 12.51
C TRP D 147 26.02 -4.42 11.77
N GLU D 148 26.61 -3.43 11.05
CA GLU D 148 27.87 -3.62 10.33
C GLU D 148 29.05 -3.58 11.31
N ALA D 149 28.97 -2.67 12.29
CA ALA D 149 30.00 -2.46 13.32
C ALA D 149 30.02 -3.59 14.36
N ALA D 150 28.93 -4.37 14.45
CA ALA D 150 28.80 -5.49 15.39
C ALA D 150 28.83 -6.86 14.67
N HIS D 151 28.97 -6.85 13.32
CA HIS D 151 29.03 -8.00 12.42
C HIS D 151 27.82 -8.92 12.57
N ALA D 152 26.61 -8.36 12.32
CA ALA D 152 25.34 -9.09 12.42
C ALA D 152 25.22 -10.17 11.34
N ALA D 153 25.68 -9.87 10.10
CA ALA D 153 25.66 -10.76 8.94
C ALA D 153 26.55 -12.00 9.12
N GLU D 154 27.63 -11.88 9.93
CA GLU D 154 28.54 -13.00 10.23
C GLU D 154 27.81 -14.09 11.03
N GLN D 155 27.06 -13.69 12.07
CA GLN D 155 26.28 -14.59 12.93
C GLN D 155 25.02 -15.07 12.20
N GLN D 156 24.47 -14.20 11.31
CA GLN D 156 23.27 -14.48 10.52
C GLN D 156 23.54 -15.63 9.54
N ARG D 157 24.60 -15.51 8.71
CA ARG D 157 25.06 -16.51 7.75
C ARG D 157 25.43 -17.83 8.46
N ALA D 158 26.13 -17.75 9.61
CA ALA D 158 26.55 -18.88 10.43
C ALA D 158 25.39 -19.79 10.79
N TYR D 159 24.24 -19.21 11.15
CA TYR D 159 23.02 -19.95 11.49
C TYR D 159 22.38 -20.62 10.24
N LEU D 160 22.21 -19.85 9.15
CA LEU D 160 21.57 -20.30 7.91
C LEU D 160 22.32 -21.47 7.24
N GLU D 161 23.65 -21.37 7.12
CA GLU D 161 24.51 -22.42 6.54
C GLU D 161 24.78 -23.58 7.51
N GLY D 162 24.64 -23.31 8.81
CA GLY D 162 24.90 -24.28 9.87
C GLY D 162 23.67 -24.92 10.46
N ARG D 163 23.15 -24.32 11.56
CA ARG D 163 21.99 -24.77 12.36
C ARG D 163 20.71 -25.02 11.57
N CYS D 164 20.44 -24.20 10.52
CA CYS D 164 19.22 -24.33 9.70
C CYS D 164 19.18 -25.60 8.87
N VAL D 165 20.28 -25.89 8.12
CA VAL D 165 20.34 -27.05 7.23
C VAL D 165 20.48 -28.37 8.02
N GLU D 166 21.14 -28.31 9.20
CA GLU D 166 21.34 -29.49 10.06
C GLU D 166 20.05 -29.90 10.73
N TRP D 167 19.25 -28.93 11.20
CA TRP D 167 17.97 -29.22 11.85
C TRP D 167 16.88 -29.60 10.85
N LEU D 168 16.94 -29.05 9.60
CA LEU D 168 15.97 -29.38 8.56
C LEU D 168 16.16 -30.84 8.12
N ARG D 169 17.44 -31.31 8.12
CA ARG D 169 17.88 -32.67 7.85
C ARG D 169 17.16 -33.59 8.85
N ARG D 170 17.31 -33.29 10.18
CA ARG D 170 16.68 -34.00 11.32
C ARG D 170 15.16 -34.08 11.15
N TYR D 171 14.51 -32.94 10.79
CA TYR D 171 13.06 -32.85 10.62
C TYR D 171 12.54 -33.70 9.46
N LEU D 172 13.18 -33.62 8.28
CA LEU D 172 12.84 -34.39 7.07
C LEU D 172 12.89 -35.91 7.29
N GLU D 173 13.90 -36.41 8.06
CA GLU D 173 14.09 -37.82 8.42
C GLU D 173 12.95 -38.30 9.33
N ASN D 174 12.64 -37.55 10.39
CA ASN D 174 11.59 -37.87 11.35
C ASN D 174 10.20 -37.75 10.70
N GLY D 175 10.03 -36.75 9.84
CA GLY D 175 8.80 -36.51 9.10
C GLY D 175 8.85 -37.03 7.68
N LYS D 176 9.39 -38.24 7.50
CA LYS D 176 9.54 -38.94 6.21
C LYS D 176 8.16 -39.31 5.63
N GLU D 177 7.24 -39.78 6.49
CA GLU D 177 5.89 -40.16 6.09
C GLU D 177 4.94 -38.96 5.94
N THR D 178 5.48 -37.72 6.01
CA THR D 178 4.66 -36.50 5.94
C THR D 178 5.25 -35.43 5.01
N LEU D 179 6.52 -35.06 5.21
CA LEU D 179 7.20 -34.00 4.45
C LEU D 179 7.74 -34.44 3.08
N GLN D 180 8.34 -35.64 3.01
CA GLN D 180 8.91 -36.23 1.79
C GLN D 180 7.83 -36.57 0.74
N ARG D 181 6.57 -36.66 1.19
CA ARG D 181 5.37 -36.96 0.40
C ARG D 181 5.05 -35.87 -0.62
N THR D 182 4.30 -36.27 -1.68
CA THR D 182 3.83 -35.39 -2.76
C THR D 182 2.47 -35.91 -3.25
N ASP D 183 1.36 -35.31 -2.78
CA ASP D 183 0.02 -35.71 -3.18
C ASP D 183 -0.37 -35.04 -4.51
N PRO D 184 -0.57 -35.81 -5.61
CA PRO D 184 -0.95 -35.17 -6.89
C PRO D 184 -2.37 -34.61 -6.88
N PRO D 185 -2.67 -33.56 -7.69
CA PRO D 185 -4.03 -32.98 -7.67
C PRO D 185 -5.10 -33.81 -8.35
N LYS D 186 -6.23 -34.04 -7.63
CA LYS D 186 -7.39 -34.75 -8.16
C LYS D 186 -8.12 -33.71 -8.98
N THR D 187 -8.01 -33.80 -10.31
CA THR D 187 -8.62 -32.81 -11.21
C THR D 187 -9.92 -33.29 -11.85
N HIS D 188 -10.82 -32.33 -12.04
CA HIS D 188 -12.11 -32.48 -12.69
C HIS D 188 -12.50 -31.09 -13.19
N MET D 189 -13.53 -31.01 -14.03
CA MET D 189 -13.98 -29.73 -14.58
C MET D 189 -15.50 -29.68 -14.73
N THR D 190 -16.11 -28.54 -14.34
CA THR D 190 -17.55 -28.31 -14.37
C THR D 190 -17.98 -27.36 -15.50
N HIS D 191 -19.23 -27.54 -15.98
CA HIS D 191 -19.84 -26.72 -17.02
C HIS D 191 -21.24 -26.28 -16.58
N HIS D 192 -21.33 -25.04 -16.07
CA HIS D 192 -22.54 -24.41 -15.58
C HIS D 192 -22.78 -23.13 -16.41
N PRO D 193 -23.71 -23.14 -17.41
CA PRO D 193 -23.94 -21.94 -18.23
C PRO D 193 -24.51 -20.73 -17.47
N ILE D 194 -24.25 -19.51 -18.00
CA ILE D 194 -24.66 -18.23 -17.42
C ILE D 194 -25.79 -17.56 -18.22
N SER D 195 -25.66 -17.57 -19.56
CA SER D 195 -26.63 -16.99 -20.48
C SER D 195 -26.97 -17.97 -21.61
N ASP D 196 -27.90 -17.58 -22.48
CA ASP D 196 -28.37 -18.34 -23.64
C ASP D 196 -27.25 -18.59 -24.68
N HIS D 197 -26.22 -17.70 -24.70
CA HIS D 197 -25.13 -17.77 -25.67
C HIS D 197 -23.71 -17.85 -25.03
N GLU D 198 -23.62 -17.92 -23.68
CA GLU D 198 -22.35 -18.04 -22.95
C GLU D 198 -22.36 -19.11 -21.84
N ALA D 199 -21.17 -19.62 -21.47
CA ALA D 199 -21.01 -20.63 -20.42
C ALA D 199 -19.73 -20.43 -19.57
N THR D 200 -19.68 -21.07 -18.40
CA THR D 200 -18.55 -20.99 -17.48
C THR D 200 -17.93 -22.38 -17.30
N LEU D 201 -16.65 -22.50 -17.68
CA LEU D 201 -15.87 -23.72 -17.53
C LEU D 201 -14.97 -23.54 -16.31
N ARG D 202 -15.21 -24.32 -15.25
CA ARG D 202 -14.44 -24.25 -14.01
C ARG D 202 -13.55 -25.47 -13.82
N CYS D 203 -12.25 -25.29 -14.06
CA CYS D 203 -11.24 -26.33 -13.93
C CYS D 203 -10.82 -26.40 -12.46
N TRP D 204 -11.04 -27.57 -11.83
CA TRP D 204 -10.75 -27.81 -10.42
C TRP D 204 -9.53 -28.67 -10.26
N ALA D 205 -8.81 -28.46 -9.13
CA ALA D 205 -7.62 -29.20 -8.70
C ALA D 205 -7.70 -29.24 -7.18
N LEU D 206 -7.94 -30.44 -6.63
CA LEU D 206 -8.13 -30.63 -5.19
C LEU D 206 -7.27 -31.73 -4.60
N GLY D 207 -6.97 -31.58 -3.32
CA GLY D 207 -6.22 -32.56 -2.53
C GLY D 207 -4.75 -32.68 -2.85
N PHE D 208 -4.14 -31.58 -3.31
CA PHE D 208 -2.72 -31.55 -3.66
C PHE D 208 -1.85 -30.95 -2.58
N TYR D 209 -0.59 -31.42 -2.54
CA TYR D 209 0.46 -30.95 -1.64
C TYR D 209 1.82 -31.08 -2.38
N PRO D 210 2.71 -30.06 -2.40
CA PRO D 210 2.65 -28.73 -1.78
C PRO D 210 1.72 -27.77 -2.51
N ALA D 211 1.64 -26.52 -2.01
CA ALA D 211 0.79 -25.47 -2.56
C ALA D 211 1.16 -24.96 -3.96
N GLU D 212 2.41 -25.22 -4.43
CA GLU D 212 2.83 -24.79 -5.76
C GLU D 212 2.11 -25.57 -6.84
N ILE D 213 1.36 -24.85 -7.69
CA ILE D 213 0.57 -25.37 -8.81
C ILE D 213 0.38 -24.25 -9.83
N THR D 214 0.16 -24.60 -11.11
CA THR D 214 -0.06 -23.64 -12.19
C THR D 214 -1.29 -24.06 -13.01
N LEU D 215 -2.25 -23.14 -13.20
CA LEU D 215 -3.48 -23.41 -13.96
C LEU D 215 -3.65 -22.37 -15.08
N THR D 216 -3.63 -22.84 -16.34
CA THR D 216 -3.69 -21.99 -17.52
C THR D 216 -4.76 -22.49 -18.48
N TRP D 217 -5.58 -21.57 -18.98
CA TRP D 217 -6.62 -21.86 -19.96
C TRP D 217 -6.09 -21.52 -21.35
N GLN D 218 -6.28 -22.41 -22.33
CA GLN D 218 -5.80 -22.17 -23.68
C GLN D 218 -6.88 -22.27 -24.74
N ARG D 219 -6.90 -21.30 -25.68
CA ARG D 219 -7.84 -21.31 -26.81
C ARG D 219 -7.03 -21.61 -28.07
N ASP D 220 -7.13 -22.86 -28.56
CA ASP D 220 -6.46 -23.43 -29.73
C ASP D 220 -4.93 -23.39 -29.61
N GLY D 221 -4.43 -23.90 -28.48
CA GLY D 221 -3.01 -24.00 -28.19
C GLY D 221 -2.34 -22.78 -27.56
N GLU D 222 -3.03 -21.63 -27.57
CA GLU D 222 -2.50 -20.38 -27.02
C GLU D 222 -3.28 -19.86 -25.81
N ASP D 223 -2.54 -19.46 -24.75
CA ASP D 223 -3.01 -18.95 -23.46
C ASP D 223 -4.09 -17.88 -23.59
N GLN D 224 -5.08 -17.95 -22.68
CA GLN D 224 -6.23 -17.06 -22.60
C GLN D 224 -6.08 -16.15 -21.38
N THR D 225 -6.04 -14.84 -21.61
CA THR D 225 -5.92 -13.78 -20.61
C THR D 225 -7.30 -13.15 -20.38
N GLN D 226 -8.05 -12.96 -21.47
CA GLN D 226 -9.40 -12.39 -21.45
C GLN D 226 -10.43 -13.33 -20.83
N ASP D 227 -11.37 -12.75 -20.06
CA ASP D 227 -12.49 -13.41 -19.38
C ASP D 227 -12.05 -14.60 -18.51
N THR D 228 -11.01 -14.41 -17.68
CA THR D 228 -10.51 -15.44 -16.79
C THR D 228 -10.60 -15.05 -15.33
N GLU D 229 -11.01 -16.00 -14.49
CA GLU D 229 -11.10 -15.82 -13.05
C GLU D 229 -10.19 -16.85 -12.39
N LEU D 230 -9.14 -16.39 -11.73
CA LEU D 230 -8.21 -17.27 -11.05
C LEU D 230 -8.13 -16.86 -9.59
N VAL D 231 -8.40 -17.79 -8.67
CA VAL D 231 -8.37 -17.52 -7.23
C VAL D 231 -7.02 -17.92 -6.57
N GLU D 232 -6.83 -17.53 -5.29
CA GLU D 232 -5.66 -17.82 -4.46
C GLU D 232 -5.63 -19.30 -4.08
N THR D 233 -4.44 -19.84 -3.74
CA THR D 233 -4.35 -21.23 -3.30
C THR D 233 -4.62 -21.27 -1.81
N ARG D 234 -5.80 -21.81 -1.48
CA ARG D 234 -6.38 -21.93 -0.15
C ARG D 234 -6.12 -23.30 0.50
N PRO D 235 -5.93 -23.39 1.85
CA PRO D 235 -5.76 -24.73 2.46
C PRO D 235 -7.11 -25.42 2.69
N ALA D 236 -7.14 -26.74 2.49
CA ALA D 236 -8.35 -27.54 2.65
C ALA D 236 -8.60 -27.90 4.12
N GLY D 237 -7.53 -27.96 4.91
CA GLY D 237 -7.60 -28.33 6.33
C GLY D 237 -7.05 -29.73 6.57
N ASP D 238 -7.00 -30.56 5.51
CA ASP D 238 -6.49 -31.94 5.55
C ASP D 238 -4.97 -31.90 5.72
N GLY D 239 -4.40 -30.81 5.23
CA GLY D 239 -2.96 -30.57 5.15
C GLY D 239 -2.64 -30.28 3.70
N THR D 240 -3.62 -30.60 2.83
CA THR D 240 -3.64 -30.41 1.38
C THR D 240 -4.23 -29.03 1.06
N PHE D 241 -4.01 -28.59 -0.19
CA PHE D 241 -4.47 -27.29 -0.69
C PHE D 241 -5.50 -27.43 -1.82
N GLN D 242 -6.18 -26.32 -2.17
CA GLN D 242 -7.22 -26.28 -3.20
C GLN D 242 -7.06 -25.06 -4.11
N LYS D 243 -7.47 -25.20 -5.38
CA LYS D 243 -7.42 -24.11 -6.38
C LYS D 243 -8.38 -24.39 -7.54
N TRP D 244 -8.79 -23.33 -8.25
CA TRP D 244 -9.63 -23.41 -9.44
C TRP D 244 -9.44 -22.21 -10.35
N ALA D 245 -9.62 -22.45 -11.66
CA ALA D 245 -9.53 -21.46 -12.74
C ALA D 245 -10.83 -21.49 -13.56
N ALA D 246 -11.44 -20.32 -13.74
CA ALA D 246 -12.68 -20.15 -14.49
C ALA D 246 -12.45 -19.39 -15.80
N VAL D 247 -13.37 -19.54 -16.77
CA VAL D 247 -13.34 -18.87 -18.07
C VAL D 247 -14.73 -18.78 -18.70
N VAL D 248 -15.05 -17.59 -19.25
CA VAL D 248 -16.29 -17.32 -19.97
C VAL D 248 -16.02 -17.68 -21.45
N VAL D 249 -16.83 -18.62 -21.98
CA VAL D 249 -16.71 -19.16 -23.34
C VAL D 249 -18.02 -18.98 -24.17
N PRO D 250 -17.95 -18.88 -25.54
CA PRO D 250 -19.19 -18.78 -26.33
C PRO D 250 -19.85 -20.16 -26.48
N SER D 251 -21.08 -20.31 -25.95
CA SER D 251 -21.87 -21.55 -25.94
C SER D 251 -21.83 -22.32 -27.27
N GLY D 252 -21.19 -23.49 -27.25
CA GLY D 252 -21.02 -24.36 -28.40
C GLY D 252 -19.59 -24.51 -28.85
N GLU D 253 -18.65 -23.85 -28.16
CA GLU D 253 -17.20 -23.87 -28.43
C GLU D 253 -16.37 -24.37 -27.23
N GLU D 254 -17.02 -25.05 -26.27
CA GLU D 254 -16.47 -25.58 -25.02
C GLU D 254 -15.20 -26.43 -25.18
N GLN D 255 -15.14 -27.24 -26.26
CA GLN D 255 -14.03 -28.15 -26.55
C GLN D 255 -12.80 -27.44 -27.18
N ARG D 256 -12.95 -26.18 -27.65
CA ARG D 256 -11.86 -25.36 -28.22
C ARG D 256 -10.93 -24.85 -27.11
N TYR D 257 -11.36 -25.02 -25.83
CA TYR D 257 -10.67 -24.58 -24.63
C TYR D 257 -10.12 -25.76 -23.82
N THR D 258 -8.85 -25.67 -23.39
CA THR D 258 -8.19 -26.71 -22.59
C THR D 258 -7.55 -26.16 -21.33
N CYS D 259 -7.69 -26.90 -20.23
CA CYS D 259 -7.12 -26.51 -18.96
C CYS D 259 -5.84 -27.28 -18.73
N HIS D 260 -4.76 -26.54 -18.44
CA HIS D 260 -3.45 -27.13 -18.21
C HIS D 260 -3.06 -27.01 -16.75
N VAL D 261 -2.79 -28.15 -16.10
CA VAL D 261 -2.41 -28.23 -14.69
C VAL D 261 -0.98 -28.74 -14.56
N GLN D 262 -0.11 -27.96 -13.90
CA GLN D 262 1.29 -28.31 -13.65
C GLN D 262 1.50 -28.31 -12.13
N HIS D 263 1.95 -29.47 -11.58
CA HIS D 263 2.20 -29.70 -10.15
C HIS D 263 3.37 -30.66 -9.95
N GLU D 264 4.18 -30.43 -8.87
CA GLU D 264 5.35 -31.23 -8.48
C GLU D 264 5.09 -32.75 -8.52
N GLY D 265 3.93 -33.17 -8.01
CA GLY D 265 3.50 -34.56 -7.96
C GLY D 265 3.00 -35.16 -9.26
N LEU D 266 3.29 -34.51 -10.41
CA LEU D 266 2.88 -35.00 -11.72
C LEU D 266 4.05 -35.36 -12.63
N PRO D 267 4.06 -36.58 -13.22
CA PRO D 267 5.17 -36.98 -14.10
C PRO D 267 5.21 -36.19 -15.41
N LYS D 268 4.04 -35.66 -15.82
CA LYS D 268 3.84 -34.82 -17.00
C LYS D 268 2.60 -33.96 -16.80
N PRO D 269 2.57 -32.71 -17.38
CA PRO D 269 1.39 -31.84 -17.19
C PRO D 269 0.07 -32.38 -17.74
N LEU D 270 -1.03 -32.19 -16.97
CA LEU D 270 -2.37 -32.68 -17.31
C LEU D 270 -3.15 -31.73 -18.22
N THR D 271 -3.95 -32.31 -19.12
CA THR D 271 -4.81 -31.56 -20.05
C THR D 271 -6.26 -32.00 -19.84
N LEU D 272 -7.12 -31.04 -19.49
CA LEU D 272 -8.54 -31.26 -19.23
C LEU D 272 -9.40 -30.53 -20.25
N ARG D 273 -10.21 -31.30 -21.01
CA ARG D 273 -11.12 -30.82 -22.06
C ARG D 273 -12.56 -31.27 -21.77
N TRP D 274 -13.56 -30.50 -22.21
CA TRP D 274 -14.96 -30.83 -21.99
C TRP D 274 -15.58 -31.48 -23.23
N GLU D 275 -16.62 -32.30 -23.04
CA GLU D 275 -17.35 -32.98 -24.11
C GLU D 275 -18.85 -32.82 -23.91
N MET E 1 1.30 5.75 6.79
CA MET E 1 1.22 4.33 7.10
C MET E 1 0.26 3.61 6.15
N ILE E 2 0.66 2.42 5.66
CA ILE E 2 -0.12 1.59 4.73
C ILE E 2 -1.00 0.55 5.46
N GLN E 3 -2.16 0.23 4.84
CA GLN E 3 -3.20 -0.73 5.26
C GLN E 3 -3.73 -1.48 4.05
N ARG E 4 -4.08 -2.76 4.22
CA ARG E 4 -4.57 -3.57 3.10
C ARG E 4 -5.88 -4.27 3.39
N THR E 5 -6.79 -4.25 2.38
CA THR E 5 -8.13 -4.86 2.43
C THR E 5 -8.07 -6.39 2.50
N PRO E 6 -8.91 -7.03 3.35
CA PRO E 6 -8.90 -8.50 3.42
C PRO E 6 -9.67 -9.14 2.26
N LYS E 7 -9.11 -10.23 1.72
CA LYS E 7 -9.69 -11.04 0.65
C LYS E 7 -10.35 -12.23 1.33
N ILE E 8 -11.64 -12.47 1.04
CA ILE E 8 -12.39 -13.56 1.68
C ILE E 8 -12.76 -14.69 0.70
N GLN E 9 -12.57 -15.95 1.16
CA GLN E 9 -12.89 -17.17 0.43
C GLN E 9 -13.65 -18.14 1.35
N VAL E 10 -14.96 -18.37 1.08
CA VAL E 10 -15.85 -19.26 1.87
C VAL E 10 -16.12 -20.51 1.04
N TYR E 11 -15.65 -21.65 1.55
CA TYR E 11 -15.69 -22.94 0.87
C TYR E 11 -15.65 -24.10 1.86
N SER E 12 -15.94 -25.31 1.36
CA SER E 12 -15.89 -26.54 2.14
C SER E 12 -14.65 -27.35 1.81
N ARG E 13 -14.15 -28.13 2.78
CA ARG E 13 -12.98 -29.01 2.67
C ARG E 13 -13.25 -30.08 1.60
N HIS E 14 -14.42 -30.73 1.67
CA HIS E 14 -14.83 -31.75 0.70
C HIS E 14 -16.02 -31.25 -0.15
N PRO E 15 -16.16 -31.67 -1.45
CA PRO E 15 -17.27 -31.15 -2.28
C PRO E 15 -18.68 -31.18 -1.68
N ALA E 16 -19.52 -30.19 -2.03
CA ALA E 16 -20.90 -29.99 -1.54
C ALA E 16 -21.77 -31.25 -1.58
N GLU E 17 -22.15 -31.77 -0.39
CA GLU E 17 -22.95 -33.00 -0.21
C GLU E 17 -24.01 -32.86 0.88
N ASN E 18 -25.30 -32.80 0.49
CA ASN E 18 -26.45 -32.65 1.40
C ASN E 18 -26.58 -33.77 2.46
N GLY E 19 -26.64 -33.37 3.74
CA GLY E 19 -26.77 -34.27 4.88
C GLY E 19 -25.58 -35.14 5.22
N LYS E 20 -24.37 -34.77 4.72
CA LYS E 20 -23.10 -35.48 4.95
C LYS E 20 -22.04 -34.58 5.57
N SER E 21 -21.33 -35.12 6.58
CA SER E 21 -20.27 -34.47 7.36
C SER E 21 -19.20 -33.76 6.51
N ASN E 22 -18.95 -32.47 6.80
CA ASN E 22 -18.00 -31.62 6.08
C ASN E 22 -17.43 -30.52 7.01
N PHE E 23 -16.44 -29.76 6.49
CA PHE E 23 -15.80 -28.67 7.22
C PHE E 23 -15.93 -27.33 6.49
N LEU E 24 -16.50 -26.34 7.16
CA LEU E 24 -16.64 -25.00 6.61
C LEU E 24 -15.36 -24.23 6.86
N ASN E 25 -14.80 -23.65 5.80
CA ASN E 25 -13.56 -22.88 5.85
C ASN E 25 -13.80 -21.45 5.38
N CYS E 26 -13.15 -20.48 6.05
CA CYS E 26 -13.20 -19.05 5.70
C CYS E 26 -11.77 -18.53 5.69
N TYR E 27 -11.07 -18.73 4.56
CA TYR E 27 -9.68 -18.31 4.36
C TYR E 27 -9.64 -16.81 4.07
N VAL E 28 -9.11 -16.06 5.02
CA VAL E 28 -8.99 -14.60 4.91
C VAL E 28 -7.51 -14.27 4.74
N SER E 29 -7.18 -13.59 3.65
CA SER E 29 -5.79 -13.24 3.33
C SER E 29 -5.66 -11.86 2.74
N GLY E 30 -4.44 -11.35 2.74
CA GLY E 30 -4.08 -10.08 2.12
C GLY E 30 -4.35 -8.83 2.91
N PHE E 31 -4.58 -8.97 4.23
CA PHE E 31 -4.89 -7.84 5.12
C PHE E 31 -3.70 -7.34 5.94
N HIS E 32 -3.71 -6.04 6.28
CA HIS E 32 -2.71 -5.36 7.11
C HIS E 32 -3.37 -4.17 7.80
N PRO E 33 -3.32 -4.01 9.14
CA PRO E 33 -2.58 -4.79 10.17
C PRO E 33 -3.12 -6.19 10.50
N SER E 34 -2.48 -6.87 11.50
CA SER E 34 -2.81 -8.21 11.98
C SER E 34 -4.14 -8.33 12.75
N ASP E 35 -4.54 -7.27 13.48
CA ASP E 35 -5.78 -7.27 14.25
C ASP E 35 -7.04 -7.37 13.39
N ILE E 36 -7.63 -8.58 13.34
CA ILE E 36 -8.84 -8.90 12.58
C ILE E 36 -9.90 -9.56 13.47
N GLU E 37 -11.18 -9.46 13.07
CA GLU E 37 -12.34 -10.02 13.75
C GLU E 37 -13.13 -10.85 12.73
N VAL E 38 -13.02 -12.19 12.82
CA VAL E 38 -13.68 -13.08 11.88
C VAL E 38 -14.69 -13.99 12.57
N ASP E 39 -15.87 -14.12 11.94
CA ASP E 39 -17.01 -14.93 12.38
C ASP E 39 -17.66 -15.69 11.22
N LEU E 40 -18.06 -16.94 11.47
CA LEU E 40 -18.77 -17.78 10.52
C LEU E 40 -20.26 -17.78 10.92
N LEU E 41 -21.15 -17.61 9.92
CA LEU E 41 -22.58 -17.50 10.12
C LEU E 41 -23.39 -18.68 9.57
N LYS E 42 -24.57 -18.93 10.16
CA LYS E 42 -25.54 -19.98 9.82
C LYS E 42 -26.93 -19.36 9.95
N ASN E 43 -27.54 -19.06 8.79
CA ASN E 43 -28.87 -18.43 8.61
C ASN E 43 -28.95 -17.05 9.31
N GLY E 44 -27.86 -16.27 9.17
CA GLY E 44 -27.73 -14.93 9.70
C GLY E 44 -27.03 -14.79 11.04
N GLU E 45 -27.18 -15.80 11.92
CA GLU E 45 -26.57 -15.78 13.26
C GLU E 45 -25.20 -16.46 13.31
N ARG E 46 -24.33 -15.95 14.20
CA ARG E 46 -22.97 -16.41 14.45
C ARG E 46 -22.92 -17.86 14.93
N ILE E 47 -21.87 -18.60 14.52
CA ILE E 47 -21.59 -19.97 14.92
C ILE E 47 -20.52 -19.90 16.01
N GLU E 48 -20.78 -20.55 17.15
CA GLU E 48 -19.84 -20.59 18.28
C GLU E 48 -18.84 -21.75 18.13
N LYS E 49 -17.80 -21.79 19.01
CA LYS E 49 -16.77 -22.83 19.08
C LYS E 49 -15.97 -22.96 17.75
N VAL E 50 -15.63 -21.80 17.16
CA VAL E 50 -14.89 -21.73 15.88
C VAL E 50 -13.38 -21.61 16.10
N GLU E 51 -12.63 -22.65 15.67
CA GLU E 51 -11.17 -22.74 15.77
C GLU E 51 -10.50 -22.21 14.51
N HIS E 52 -9.54 -21.30 14.69
CA HIS E 52 -8.81 -20.70 13.57
C HIS E 52 -7.33 -21.14 13.50
N SER E 53 -6.70 -20.86 12.35
CA SER E 53 -5.30 -21.15 12.10
C SER E 53 -4.39 -20.13 12.80
N ASP E 54 -3.09 -20.27 12.62
CA ASP E 54 -2.16 -19.37 13.28
C ASP E 54 -1.63 -18.32 12.31
N LEU E 55 -1.49 -17.09 12.81
CA LEU E 55 -1.07 -15.94 12.03
C LEU E 55 0.33 -16.09 11.42
N SER E 56 0.35 -16.02 10.07
CA SER E 56 1.53 -16.05 9.20
C SER E 56 1.30 -15.02 8.07
N PHE E 57 2.37 -14.66 7.34
CA PHE E 57 2.26 -13.65 6.30
C PHE E 57 2.91 -14.06 4.94
N SER E 58 2.51 -13.35 3.86
CA SER E 58 2.94 -13.53 2.47
C SER E 58 4.15 -12.64 2.11
N LYS E 59 4.64 -12.72 0.85
CA LYS E 59 5.79 -11.95 0.35
C LYS E 59 5.60 -10.42 0.38
N ASP E 60 4.35 -9.95 0.31
CA ASP E 60 4.03 -8.51 0.36
C ASP E 60 3.73 -8.05 1.80
N TRP E 61 4.11 -8.88 2.80
CA TRP E 61 3.92 -8.69 4.24
C TRP E 61 2.45 -8.78 4.69
N SER E 62 1.51 -9.02 3.76
CA SER E 62 0.08 -9.14 4.07
C SER E 62 -0.20 -10.42 4.86
N PHE E 63 -1.12 -10.36 5.82
CA PHE E 63 -1.43 -11.50 6.66
C PHE E 63 -2.48 -12.43 6.10
N TYR E 64 -2.44 -13.70 6.53
CA TYR E 64 -3.41 -14.72 6.14
C TYR E 64 -3.78 -15.66 7.28
N LEU E 65 -5.08 -16.00 7.37
CA LEU E 65 -5.66 -16.90 8.36
C LEU E 65 -6.75 -17.79 7.76
N LEU E 66 -7.07 -18.88 8.48
CA LEU E 66 -8.14 -19.81 8.10
C LEU E 66 -9.06 -20.04 9.29
N TYR E 67 -10.33 -19.71 9.14
CA TYR E 67 -11.29 -19.95 10.21
C TYR E 67 -12.13 -21.15 9.77
N TYR E 68 -12.02 -22.25 10.51
CA TYR E 68 -12.73 -23.48 10.19
C TYR E 68 -13.73 -23.91 11.27
N THR E 69 -14.68 -24.80 10.88
CA THR E 69 -15.73 -25.36 11.75
C THR E 69 -16.34 -26.63 11.13
N GLU E 70 -16.80 -27.57 11.97
CA GLU E 70 -17.44 -28.80 11.51
C GLU E 70 -18.92 -28.51 11.22
N PHE E 71 -19.41 -28.89 10.02
CA PHE E 71 -20.81 -28.61 9.66
C PHE E 71 -21.45 -29.68 8.75
N THR E 72 -22.79 -29.78 8.79
CA THR E 72 -23.58 -30.68 7.97
C THR E 72 -24.45 -29.84 7.04
N PRO E 73 -24.06 -29.66 5.75
CA PRO E 73 -24.86 -28.82 4.84
C PRO E 73 -26.22 -29.39 4.47
N THR E 74 -27.23 -28.50 4.44
CA THR E 74 -28.63 -28.80 4.10
C THR E 74 -29.03 -27.80 2.99
N GLU E 75 -30.12 -28.09 2.25
CA GLU E 75 -30.63 -27.21 1.20
C GLU E 75 -31.37 -26.01 1.80
N LYS E 76 -31.90 -26.17 3.04
CA LYS E 76 -32.64 -25.16 3.80
C LYS E 76 -31.75 -24.15 4.55
N ASP E 77 -30.49 -24.53 4.81
CA ASP E 77 -29.51 -23.70 5.53
C ASP E 77 -28.65 -22.86 4.61
N GLU E 78 -28.40 -21.60 5.01
CA GLU E 78 -27.57 -20.65 4.28
C GLU E 78 -26.37 -20.27 5.14
N TYR E 79 -25.17 -20.50 4.61
CA TYR E 79 -23.92 -20.23 5.32
C TYR E 79 -23.15 -19.04 4.79
N ALA E 80 -22.52 -18.28 5.70
CA ALA E 80 -21.75 -17.09 5.36
C ALA E 80 -20.57 -16.86 6.32
N CYS E 81 -19.76 -15.83 6.03
CA CYS E 81 -18.61 -15.45 6.84
C CYS E 81 -18.57 -13.93 6.92
N ARG E 82 -18.64 -13.41 8.14
CA ARG E 82 -18.56 -11.98 8.43
C ARG E 82 -17.13 -11.68 8.85
N VAL E 83 -16.54 -10.61 8.28
CA VAL E 83 -15.18 -10.19 8.62
C VAL E 83 -15.18 -8.68 8.88
N ASN E 84 -14.54 -8.26 9.98
CA ASN E 84 -14.39 -6.84 10.31
C ASN E 84 -12.92 -6.54 10.54
N HIS E 85 -12.43 -5.53 9.82
CA HIS E 85 -11.05 -5.10 9.89
C HIS E 85 -11.00 -3.58 9.82
N VAL E 86 -9.91 -2.99 10.35
CA VAL E 86 -9.67 -1.53 10.40
C VAL E 86 -9.86 -0.86 9.04
N THR E 87 -9.60 -1.61 7.97
CA THR E 87 -9.70 -1.19 6.57
C THR E 87 -11.13 -0.94 6.14
N LEU E 88 -12.04 -1.90 6.47
CA LEU E 88 -13.46 -1.91 6.10
C LEU E 88 -14.31 -0.88 6.83
N SER E 89 -15.06 -0.07 6.05
CA SER E 89 -15.99 0.94 6.57
C SER E 89 -17.18 0.29 7.29
N GLN E 90 -17.64 -0.89 6.78
CA GLN E 90 -18.71 -1.73 7.36
C GLN E 90 -18.31 -3.23 7.26
N PRO E 91 -18.73 -4.13 8.19
CA PRO E 91 -18.29 -5.54 8.13
C PRO E 91 -18.72 -6.28 6.86
N LYS E 92 -17.76 -6.97 6.21
CA LYS E 92 -17.99 -7.69 4.96
C LYS E 92 -18.52 -9.10 5.16
N ILE E 93 -19.70 -9.37 4.58
CA ILE E 93 -20.34 -10.68 4.63
C ILE E 93 -20.26 -11.34 3.26
N VAL E 94 -19.63 -12.54 3.23
CA VAL E 94 -19.45 -13.35 2.03
C VAL E 94 -20.18 -14.67 2.30
N LYS E 95 -21.19 -15.01 1.49
CA LYS E 95 -21.96 -16.25 1.65
C LYS E 95 -21.41 -17.41 0.79
N TRP E 96 -21.51 -18.63 1.34
CA TRP E 96 -21.01 -19.87 0.75
C TRP E 96 -21.75 -20.32 -0.51
N ASP E 97 -20.99 -20.81 -1.51
CA ASP E 97 -21.48 -21.33 -2.79
C ASP E 97 -21.03 -22.79 -2.93
N ARG E 98 -21.99 -23.68 -3.33
CA ARG E 98 -21.81 -25.13 -3.51
C ARG E 98 -20.64 -25.48 -4.42
N ASP E 99 -20.55 -24.83 -5.60
CA ASP E 99 -19.49 -25.06 -6.59
C ASP E 99 -18.57 -23.83 -6.75
N MET E 100 -17.81 -23.51 -5.68
CA MET E 100 -16.85 -22.38 -5.62
C MET E 100 -15.84 -22.55 -4.47
N SER F 1 14.75 -25.48 14.87
CA SER F 1 15.65 -24.64 15.65
C SER F 1 15.57 -23.20 15.18
N ALA F 2 15.21 -22.28 16.08
CA ALA F 2 15.07 -20.84 15.82
C ALA F 2 16.40 -20.11 15.94
N LEU F 3 16.51 -18.90 15.35
CA LEU F 3 17.70 -18.04 15.33
C LEU F 3 18.21 -17.73 16.75
N GLU F 4 19.41 -18.24 17.05
CA GLU F 4 20.06 -18.12 18.37
C GLU F 4 20.56 -16.71 18.69
N TRP F 5 21.19 -16.04 17.70
CA TRP F 5 21.80 -14.72 17.86
C TRP F 5 20.83 -13.59 17.53
N ILE F 6 20.61 -12.68 18.51
CA ILE F 6 19.68 -11.55 18.42
C ILE F 6 20.39 -10.20 18.73
N LYS F 7 20.06 -9.13 17.97
CA LYS F 7 20.62 -7.79 18.09
C LYS F 7 19.52 -6.74 17.97
N ASN F 8 19.76 -5.56 18.55
CA ASN F 8 18.83 -4.44 18.53
C ASN F 8 18.99 -3.57 17.28
N LYS F 9 17.93 -2.87 16.91
CA LYS F 9 17.89 -1.99 15.74
C LYS F 9 18.22 -0.54 16.10
MG MG G . 2.23 12.16 -10.21
S SO4 H . -6.96 43.37 10.28
O1 SO4 H . -5.76 42.70 9.81
O2 SO4 H . -6.63 44.23 11.41
O3 SO4 H . -7.95 42.37 10.75
O4 SO4 H . -7.54 44.16 9.20
MG MG I . -6.85 -14.13 18.90
MG MG J . -1.59 -17.74 -5.68
S SO4 K . 1.43 9.92 14.28
O1 SO4 K . 2.77 10.04 14.82
O2 SO4 K . 1.30 10.85 13.15
O3 SO4 K . 1.22 8.55 13.81
O4 SO4 K . 0.44 10.27 15.30
#